data_4RYY
#
_entry.id   4RYY
#
_cell.length_a   175.844
_cell.length_b   175.844
_cell.length_c   86.424
_cell.angle_alpha   90.00
_cell.angle_beta   90.00
_cell.angle_gamma   120.00
#
_symmetry.space_group_name_H-M   'P 65'
#
loop_
_entity.id
_entity.type
_entity.pdbx_description
1 polymer 'Retinoid isomerohydrolase'
2 non-polymer 'FE (II) ION'
3 non-polymer 'PALMITIC ACID'
4 non-polymer (1R)-3-amino-1-[3-(cyclohexylmethoxy)phenyl]propan-1-ol
5 water water
#
_entity_poly.entity_id   1
_entity_poly.type   'polypeptide(L)'
_entity_poly.pdbx_seq_one_letter_code
;(ACE)SSQVEHPAGGYKKLFETVEELSSPLTAHVTGRIPLWLTGSLLRCGPGLFEVGSEPFYHLFDGQALLHKFDFKEGH
VTYHRRFIRTDAYVRAMTEKRIVITEFGTCAFPDPCKNIFSRFFSYFRGVEVTDNALVNIYPVGEDYYACTETNFITKVN
PETLETIKQVDLCNYVSVNGATAHPHIENDGTVYNIGNCFGKNFSIAYNIVKIPPLQADKEDPISKSEIVVQFPCSDRFK
PSYVHSFGLTPNYIVFVETPVKINLFKFLSSWSLWGANYMDCFESNETMGVWLHIADKKRKKYINNKYRTSPFNLFHHIN
TYEDHEFLIVDLCCWKGFEFVYNYLYLANLRENWEEVKKNARKAPQPEVRRYVLPLNIDKADTGKNLVTLPNTTATAILC
SDETIWLEPEVLFSGPRQAFEFPQINYQKYGGKPYTYAYGLGLNHFVPDRLCKLNVKTKETWVWQEPDSYPSEPIFVSHP
DALEEDDGVVLSVVVSPGAGQKPAYLLILNAKDLSEVARAEVEINIPVTFHGLFKKS
;
_entity_poly.pdbx_strand_id   A,B
#
loop_
_chem_comp.id
_chem_comp.type
_chem_comp.name
_chem_comp.formula
A3V non-polymer (1R)-3-amino-1-[3-(cyclohexylmethoxy)phenyl]propan-1-ol 'C16 H25 N O2'
ACE non-polymer 'ACETYL GROUP' 'C2 H4 O'
FE2 non-polymer 'FE (II) ION' 'Fe 2'
PLM non-polymer 'PALMITIC ACID' 'C16 H32 O2'
#
# COMPACT_ATOMS: atom_id res chain seq x y z
C ACE A 1 2.18 12.66 9.91
O ACE A 1 2.15 12.17 11.02
CH3 ACE A 1 0.93 13.15 9.22
N SER A 2 3.31 12.77 9.23
CA SER A 2 4.63 12.44 9.85
C SER A 2 5.08 13.55 10.82
N SER A 3 5.98 13.17 11.74
CA SER A 3 6.65 14.11 12.63
C SER A 3 7.75 14.85 11.85
N GLN A 4 8.04 16.07 12.28
CA GLN A 4 9.13 16.92 11.74
C GLN A 4 10.21 17.26 12.80
N VAL A 5 10.36 16.36 13.78
CA VAL A 5 11.05 16.69 15.01
C VAL A 5 11.91 15.51 15.50
N GLU A 6 13.11 15.83 15.98
CA GLU A 6 13.96 14.92 16.75
C GLU A 6 13.82 15.22 18.24
N HIS A 7 14.25 14.30 19.07
CA HIS A 7 14.11 14.39 20.53
C HIS A 7 15.42 14.12 21.29
N PRO A 8 16.54 14.77 20.88
CA PRO A 8 17.84 14.57 21.55
C PRO A 8 17.81 14.84 23.05
N ALA A 9 16.97 15.76 23.52
CA ALA A 9 16.86 15.99 25.00
C ALA A 9 16.33 14.81 25.82
N GLY A 10 15.68 13.83 25.20
CA GLY A 10 15.17 12.66 25.94
C GLY A 10 13.96 12.88 26.85
N GLY A 11 13.23 13.99 26.67
CA GLY A 11 12.07 14.36 27.52
C GLY A 11 10.98 13.32 27.64
N TYR A 12 10.79 12.52 26.58
CA TYR A 12 9.87 11.39 26.56
C TYR A 12 10.07 10.42 27.73
N LYS A 13 11.24 10.40 28.35
CA LYS A 13 11.46 9.56 29.55
C LYS A 13 10.51 9.90 30.67
N LYS A 14 10.07 11.15 30.75
CA LYS A 14 9.05 11.51 31.73
C LYS A 14 7.70 10.78 31.59
N LEU A 15 7.42 10.21 30.43
CA LEU A 15 6.21 9.41 30.26
C LEU A 15 6.25 8.14 31.10
N PHE A 16 7.46 7.68 31.46
CA PHE A 16 7.66 6.40 32.16
C PHE A 16 8.24 6.54 33.58
N GLU A 17 7.92 7.67 34.21
CA GLU A 17 8.43 7.98 35.53
C GLU A 17 7.25 7.99 36.51
N THR A 18 7.43 7.27 37.61
CA THR A 18 6.50 7.31 38.72
C THR A 18 6.04 8.71 39.18
N VAL A 19 4.75 8.84 39.49
CA VAL A 19 4.14 10.03 40.06
C VAL A 19 3.35 9.66 41.32
N GLU A 20 2.97 10.68 42.07
CA GLU A 20 2.10 10.52 43.24
C GLU A 20 0.66 10.90 42.89
N GLU A 21 -0.29 10.19 43.47
CA GLU A 21 -1.69 10.59 43.36
C GLU A 21 -1.96 11.90 44.13
N LEU A 22 -3.11 12.48 43.87
CA LEU A 22 -3.54 13.70 44.57
C LEU A 22 -4.64 13.32 45.55
N SER A 23 -4.79 14.11 46.62
CA SER A 23 -5.90 13.87 47.56
C SER A 23 -7.15 14.61 47.14
N SER A 24 -7.02 15.64 46.32
CA SER A 24 -8.20 16.31 45.74
C SER A 24 -7.80 17.07 44.46
N PRO A 25 -8.78 17.54 43.67
CA PRO A 25 -8.45 18.21 42.39
C PRO A 25 -7.56 19.48 42.45
N LEU A 26 -6.66 19.63 41.47
CA LEU A 26 -5.92 20.88 41.25
C LEU A 26 -6.61 21.75 40.23
N THR A 27 -6.44 23.05 40.37
CA THR A 27 -6.87 23.96 39.32
C THR A 27 -5.83 23.94 38.23
N ALA A 28 -6.28 23.93 36.98
CA ALA A 28 -5.42 23.97 35.81
C ALA A 28 -5.45 25.38 35.21
N HIS A 29 -4.30 26.01 35.05
CA HIS A 29 -4.24 27.38 34.54
C HIS A 29 -4.55 27.37 33.03
N VAL A 30 -5.67 27.99 32.66
CA VAL A 30 -6.09 28.07 31.27
C VAL A 30 -5.46 29.23 30.49
N THR A 31 -4.94 28.97 29.28
CA THR A 31 -4.70 30.05 28.30
C THR A 31 -5.49 29.73 27.04
N GLY A 32 -5.91 30.77 26.32
CA GLY A 32 -6.96 30.66 25.32
C GLY A 32 -8.29 30.48 26.02
N ARG A 33 -9.28 30.00 25.27
CA ARG A 33 -10.65 30.05 25.74
C ARG A 33 -11.36 28.66 25.59
N ILE A 34 -11.55 27.98 26.71
CA ILE A 34 -12.21 26.68 26.77
C ILE A 34 -13.64 26.90 26.34
N PRO A 35 -14.12 26.10 25.37
CA PRO A 35 -15.50 26.29 24.87
C PRO A 35 -16.54 26.16 25.97
N LEU A 36 -17.52 27.04 25.98
CA LEU A 36 -18.52 27.03 27.08
C LEU A 36 -19.52 25.88 27.01
N TRP A 37 -19.62 25.23 25.84
CA TRP A 37 -20.43 24.03 25.68
C TRP A 37 -19.72 22.73 26.10
N LEU A 38 -18.44 22.81 26.44
CA LEU A 38 -17.68 21.67 26.94
C LEU A 38 -17.88 21.48 28.42
N THR A 39 -18.78 20.55 28.78
CA THR A 39 -19.14 20.29 30.16
C THR A 39 -19.06 18.78 30.41
N GLY A 40 -18.18 18.36 31.33
CA GLY A 40 -17.99 16.96 31.62
C GLY A 40 -16.57 16.66 32.00
N SER A 41 -16.20 15.39 31.92
CA SER A 41 -14.91 14.90 32.41
C SER A 41 -14.18 14.10 31.37
N LEU A 42 -12.91 14.41 31.15
CA LEU A 42 -12.05 13.53 30.38
C LEU A 42 -11.41 12.55 31.34
N LEU A 43 -11.76 11.26 31.17
CA LEU A 43 -11.25 10.17 32.01
C LEU A 43 -10.24 9.32 31.20
N ARG A 44 -9.07 9.06 31.75
CA ARG A 44 -8.02 8.30 31.05
C ARG A 44 -7.22 7.41 32.01
N CYS A 45 -6.74 6.28 31.51
CA CYS A 45 -5.96 5.34 32.28
C CYS A 45 -4.57 5.15 31.70
N GLY A 46 -3.65 4.82 32.61
CA GLY A 46 -2.24 4.62 32.30
C GLY A 46 -1.50 4.07 33.51
N PRO A 47 -0.24 3.69 33.30
CA PRO A 47 0.61 3.32 34.44
C PRO A 47 1.07 4.56 35.17
N GLY A 48 1.10 4.48 36.50
CA GLY A 48 1.60 5.57 37.33
C GLY A 48 2.73 5.22 38.29
N LEU A 49 2.93 3.93 38.56
CA LEU A 49 3.97 3.49 39.48
C LEU A 49 4.78 2.42 38.78
N PHE A 50 6.04 2.74 38.47
CA PHE A 50 6.87 1.88 37.60
C PHE A 50 7.86 1.04 38.35
N GLU A 51 7.81 1.10 39.68
CA GLU A 51 8.58 0.20 40.56
C GLU A 51 7.93 0.11 41.93
N VAL A 52 8.06 -1.04 42.58
CA VAL A 52 7.65 -1.19 44.00
C VAL A 52 8.87 -1.29 44.87
N GLY A 53 9.22 -0.15 45.48
CA GLY A 53 10.43 -0.01 46.24
C GLY A 53 11.61 -0.03 45.29
N SER A 54 12.43 -1.06 45.43
CA SER A 54 13.59 -1.29 44.60
C SER A 54 13.34 -2.39 43.53
N GLU A 55 12.17 -3.05 43.55
CA GLU A 55 11.76 -4.01 42.53
C GLU A 55 11.11 -3.27 41.34
N PRO A 56 11.74 -3.38 40.15
CA PRO A 56 11.27 -2.62 38.97
C PRO A 56 10.23 -3.38 38.13
N PHE A 57 9.26 -2.65 37.60
CA PHE A 57 8.44 -3.17 36.51
C PHE A 57 9.23 -3.05 35.19
N TYR A 58 9.19 -4.09 34.35
CA TYR A 58 10.01 -4.09 33.09
C TYR A 58 9.31 -3.55 31.79
N HIS A 59 8.00 -3.76 31.68
CA HIS A 59 7.29 -3.52 30.41
C HIS A 59 6.39 -2.32 30.51
N LEU A 60 6.13 -1.71 29.35
CA LEU A 60 5.18 -0.59 29.23
C LEU A 60 3.80 -0.87 29.88
N PHE A 61 3.36 -2.13 29.89
CA PHE A 61 2.03 -2.50 30.35
C PHE A 61 2.05 -3.11 31.76
N ASP A 62 3.10 -2.83 32.53
CA ASP A 62 3.26 -3.39 33.88
C ASP A 62 3.00 -2.42 35.02
N GLY A 63 3.36 -1.15 34.82
CA GLY A 63 3.12 -0.14 35.83
C GLY A 63 1.70 -0.08 36.36
N GLN A 64 1.54 0.32 37.61
CA GLN A 64 0.23 0.20 38.27
C GLN A 64 -0.78 1.27 37.81
N ALA A 65 -1.98 0.79 37.50
CA ALA A 65 -3.05 1.62 36.97
C ALA A 65 -3.30 2.89 37.77
N LEU A 66 -3.35 3.99 37.01
CA LEU A 66 -3.60 5.34 37.50
C LEU A 66 -4.76 5.94 36.70
N LEU A 67 -5.83 6.31 37.39
CA LEU A 67 -7.02 6.90 36.78
C LEU A 67 -6.90 8.42 36.84
N HIS A 68 -7.01 9.04 35.68
CA HIS A 68 -6.88 10.47 35.52
C HIS A 68 -8.22 11.12 35.19
N LYS A 69 -8.42 12.37 35.61
CA LYS A 69 -9.63 13.12 35.26
C LYS A 69 -9.37 14.59 35.10
N PHE A 70 -9.71 15.15 33.91
CA PHE A 70 -9.86 16.60 33.71
C PHE A 70 -11.33 16.96 33.66
N ASP A 71 -11.77 17.88 34.51
CA ASP A 71 -13.16 18.36 34.52
C ASP A 71 -13.24 19.67 33.80
N PHE A 72 -14.33 19.88 33.08
CA PHE A 72 -14.57 21.11 32.32
C PHE A 72 -15.95 21.61 32.70
N LYS A 73 -16.02 22.81 33.29
CA LYS A 73 -17.28 23.50 33.56
C LYS A 73 -17.06 25.00 33.45
N GLU A 74 -17.90 25.64 32.64
CA GLU A 74 -17.93 27.10 32.51
C GLU A 74 -16.57 27.72 32.24
N GLY A 75 -15.82 27.08 31.34
CA GLY A 75 -14.51 27.53 30.90
C GLY A 75 -13.36 27.30 31.87
N HIS A 76 -13.58 26.53 32.93
CA HIS A 76 -12.60 26.28 34.02
C HIS A 76 -12.28 24.79 34.03
N VAL A 77 -11.06 24.45 34.43
CA VAL A 77 -10.58 23.07 34.36
C VAL A 77 -9.93 22.65 35.65
N THR A 78 -10.23 21.44 36.10
CA THR A 78 -9.50 20.80 37.18
C THR A 78 -8.83 19.53 36.70
N TYR A 79 -7.84 19.09 37.46
CA TYR A 79 -7.16 17.84 37.20
C TYR A 79 -7.05 17.07 38.50
N HIS A 80 -7.30 15.78 38.42
CA HIS A 80 -7.27 14.90 39.58
C HIS A 80 -6.83 13.51 39.14
N ARG A 81 -6.15 12.80 40.03
CA ARG A 81 -5.74 11.43 39.74
C ARG A 81 -5.60 10.61 41.00
N ARG A 82 -5.91 9.32 40.85
CA ARG A 82 -5.89 8.33 41.93
C ARG A 82 -5.47 7.00 41.38
N PHE A 83 -4.64 6.30 42.14
CA PHE A 83 -4.32 4.93 41.79
C PHE A 83 -5.56 4.05 41.99
N ILE A 84 -5.73 3.08 41.11
CA ILE A 84 -6.84 2.16 41.20
C ILE A 84 -6.48 1.11 42.25
N ARG A 85 -7.36 0.90 43.23
CA ARG A 85 -7.08 -0.05 44.32
C ARG A 85 -7.42 -1.48 43.90
N THR A 86 -6.62 -1.99 42.98
CA THR A 86 -6.75 -3.34 42.44
C THR A 86 -6.09 -4.28 43.43
N ASP A 87 -6.27 -5.59 43.26
CA ASP A 87 -5.51 -6.57 44.01
C ASP A 87 -4.01 -6.34 43.82
N ALA A 88 -3.56 -6.13 42.58
CA ALA A 88 -2.14 -5.91 42.28
C ALA A 88 -1.59 -4.78 43.09
N TYR A 89 -2.29 -3.67 43.11
CA TYR A 89 -1.82 -2.47 43.78
C TYR A 89 -1.87 -2.60 45.31
N VAL A 90 -3.02 -3.04 45.82
CA VAL A 90 -3.30 -3.16 47.26
C VAL A 90 -2.29 -4.12 47.90
N ARG A 91 -2.13 -5.29 47.28
CA ARG A 91 -1.23 -6.30 47.80
C ARG A 91 0.23 -5.85 47.68
N ALA A 92 0.55 -5.08 46.64
CA ALA A 92 1.88 -4.53 46.53
C ALA A 92 2.16 -3.52 47.64
N MET A 93 1.17 -2.71 47.97
CA MET A 93 1.30 -1.72 49.07
C MET A 93 1.43 -2.45 50.44
N THR A 94 0.55 -3.44 50.66
CA THR A 94 0.58 -4.26 51.86
C THR A 94 1.94 -4.93 52.05
N GLU A 95 2.37 -5.71 51.06
CA GLU A 95 3.59 -6.50 51.18
C GLU A 95 4.88 -5.79 50.79
N LYS A 96 4.79 -4.55 50.33
CA LYS A 96 5.95 -3.73 49.96
C LYS A 96 6.91 -4.43 48.97
N ARG A 97 6.32 -5.13 48.01
CA ARG A 97 7.04 -5.79 46.91
C ARG A 97 6.07 -6.04 45.73
N ILE A 98 6.55 -6.58 44.61
CA ILE A 98 5.69 -6.97 43.50
C ILE A 98 5.06 -8.34 43.80
N VAL A 99 3.74 -8.38 43.96
CA VAL A 99 3.09 -9.61 44.36
C VAL A 99 2.46 -10.36 43.19
N ILE A 100 1.76 -9.64 42.32
CA ILE A 100 1.11 -10.25 41.16
C ILE A 100 2.04 -10.07 39.94
N THR A 101 2.16 -11.17 39.18
CA THR A 101 2.84 -11.12 37.89
C THR A 101 2.07 -10.20 36.90
N GLU A 102 2.77 -9.20 36.36
CA GLU A 102 2.25 -8.35 35.30
C GLU A 102 2.66 -8.85 33.92
N PHE A 103 2.09 -8.23 32.89
CA PHE A 103 2.36 -8.57 31.49
C PHE A 103 3.81 -8.99 31.19
N GLY A 104 4.75 -8.13 31.51
CA GLY A 104 6.16 -8.44 31.34
C GLY A 104 7.02 -8.38 32.61
N THR A 105 6.45 -8.64 33.76
CA THR A 105 7.23 -8.61 34.99
C THR A 105 6.75 -9.76 35.86
N CYS A 106 7.62 -10.77 35.99
CA CYS A 106 7.31 -11.92 36.81
C CYS A 106 7.51 -11.55 38.29
N ALA A 107 6.55 -11.91 39.15
CA ALA A 107 6.69 -11.68 40.60
C ALA A 107 7.29 -12.93 41.28
N PHE A 108 8.28 -12.72 42.15
CA PHE A 108 8.84 -13.84 42.92
C PHE A 108 7.88 -14.24 44.07
N PRO A 109 8.06 -15.43 44.70
CA PRO A 109 7.14 -15.84 45.79
C PRO A 109 7.74 -15.76 47.20
N GLU A 127 -2.58 -17.00 39.35
CA GLU A 127 -3.08 -15.71 39.89
C GLU A 127 -3.02 -14.44 38.98
N VAL A 128 -4.12 -14.13 38.28
CA VAL A 128 -4.14 -13.22 37.12
C VAL A 128 -4.21 -11.74 37.50
N THR A 129 -3.40 -10.88 36.86
CA THR A 129 -3.42 -9.44 37.14
C THR A 129 -4.78 -8.82 36.81
N ASP A 130 -5.15 -7.85 37.62
CA ASP A 130 -6.33 -7.02 37.42
C ASP A 130 -5.87 -5.55 37.36
N ASN A 131 -4.59 -5.35 37.01
CA ASN A 131 -4.02 -3.99 36.87
C ASN A 131 -4.67 -3.26 35.68
N ALA A 132 -5.72 -2.49 35.97
CA ALA A 132 -6.59 -1.91 34.93
C ALA A 132 -6.05 -0.59 34.34
N LEU A 133 -4.89 -0.68 33.70
CA LEU A 133 -4.15 0.50 33.27
C LEU A 133 -4.46 1.02 31.85
N VAL A 134 -5.36 0.35 31.14
CA VAL A 134 -5.48 0.52 29.70
C VAL A 134 -6.61 1.46 29.29
N ASN A 135 -7.83 1.19 29.77
CA ASN A 135 -9.01 1.96 29.34
C ASN A 135 -10.11 2.02 30.42
N ILE A 136 -11.16 2.76 30.13
CA ILE A 136 -12.32 2.87 30.99
C ILE A 136 -13.56 3.01 30.10
N TYR A 137 -14.63 2.29 30.43
CA TYR A 137 -15.87 2.31 29.64
C TYR A 137 -17.15 2.10 30.46
N PRO A 138 -18.31 2.56 29.92
CA PRO A 138 -19.58 2.42 30.60
C PRO A 138 -20.31 1.10 30.32
N VAL A 139 -20.89 0.55 31.39
CA VAL A 139 -21.86 -0.53 31.32
C VAL A 139 -23.03 -0.11 32.22
N GLY A 140 -24.25 -0.04 31.66
CA GLY A 140 -25.39 0.51 32.38
C GLY A 140 -25.03 1.89 32.93
N GLU A 141 -25.30 2.10 34.21
CA GLU A 141 -24.93 3.35 34.89
C GLU A 141 -23.53 3.34 35.50
N ASP A 142 -22.75 2.27 35.28
CA ASP A 142 -21.42 2.12 35.89
C ASP A 142 -20.26 2.36 34.92
N TYR A 143 -19.08 2.60 35.49
CA TYR A 143 -17.85 2.75 34.72
C TYR A 143 -16.81 1.73 35.21
N TYR A 144 -16.14 1.09 34.26
CA TYR A 144 -15.15 0.07 34.54
C TYR A 144 -13.83 0.40 33.88
N ALA A 145 -12.77 0.44 34.69
CA ALA A 145 -11.39 0.43 34.23
C ALA A 145 -11.05 -0.99 33.85
N CYS A 146 -10.20 -1.15 32.82
CA CYS A 146 -9.83 -2.47 32.37
C CYS A 146 -8.38 -2.56 31.94
N THR A 147 -7.95 -3.82 31.89
CA THR A 147 -6.80 -4.23 31.13
C THR A 147 -7.36 -5.17 30.07
N GLU A 148 -6.73 -6.31 29.82
CA GLU A 148 -7.23 -7.29 28.84
C GLU A 148 -7.48 -8.67 29.44
N THR A 149 -7.51 -8.75 30.77
CA THR A 149 -7.74 -10.01 31.49
C THR A 149 -9.23 -10.19 31.80
N ASN A 150 -9.52 -11.24 32.58
CA ASN A 150 -10.90 -11.56 33.07
C ASN A 150 -11.42 -10.63 34.17
N PHE A 151 -10.55 -9.83 34.76
CA PHE A 151 -10.91 -8.87 35.81
C PHE A 151 -11.04 -7.44 35.30
N ILE A 152 -12.21 -6.86 35.49
CA ILE A 152 -12.40 -5.41 35.26
C ILE A 152 -12.73 -4.75 36.60
N THR A 153 -12.42 -3.47 36.74
CA THR A 153 -12.58 -2.81 38.01
C THR A 153 -13.58 -1.67 37.92
N LYS A 154 -14.71 -1.81 38.62
CA LYS A 154 -15.69 -0.75 38.76
C LYS A 154 -15.09 0.43 39.54
N VAL A 155 -15.19 1.64 38.97
CA VAL A 155 -14.66 2.86 39.58
C VAL A 155 -15.72 3.95 39.59
N ASN A 156 -15.55 4.88 40.51
CA ASN A 156 -16.43 6.04 40.64
C ASN A 156 -15.89 7.18 39.76
N PRO A 157 -16.67 7.60 38.75
CA PRO A 157 -16.14 8.57 37.78
C PRO A 157 -16.04 9.99 38.27
N GLU A 158 -16.62 10.32 39.43
CA GLU A 158 -16.54 11.68 39.99
C GLU A 158 -15.48 11.80 41.08
N THR A 159 -15.35 10.79 41.94
CA THR A 159 -14.32 10.80 43.00
C THR A 159 -13.03 10.06 42.62
N LEU A 160 -13.12 9.16 41.64
CA LEU A 160 -12.04 8.26 41.23
C LEU A 160 -11.76 7.18 42.26
N GLU A 161 -12.74 6.91 43.13
CA GLU A 161 -12.58 5.80 44.08
C GLU A 161 -12.79 4.48 43.40
N THR A 162 -12.12 3.46 43.91
CA THR A 162 -12.25 2.12 43.38
C THR A 162 -13.43 1.53 44.12
N ILE A 163 -14.34 0.86 43.42
CA ILE A 163 -15.56 0.33 44.03
C ILE A 163 -15.45 -1.18 44.21
N LYS A 164 -15.21 -1.91 43.14
CA LYS A 164 -15.10 -3.34 43.26
C LYS A 164 -14.42 -3.99 42.07
N GLN A 165 -14.00 -5.23 42.29
CA GLN A 165 -13.45 -6.06 41.26
C GLN A 165 -14.56 -6.93 40.69
N VAL A 166 -14.59 -7.08 39.37
CA VAL A 166 -15.55 -7.97 38.71
C VAL A 166 -14.77 -8.97 37.92
N ASP A 167 -15.11 -10.23 38.08
CA ASP A 167 -14.49 -11.33 37.41
C ASP A 167 -15.47 -11.77 36.31
N LEU A 168 -15.14 -11.44 35.07
CA LEU A 168 -16.02 -11.82 33.97
C LEU A 168 -16.30 -13.29 33.89
N CYS A 169 -15.40 -14.14 34.40
CA CYS A 169 -15.63 -15.60 34.37
C CYS A 169 -16.84 -16.08 35.17
N ASN A 170 -17.22 -15.33 36.20
CA ASN A 170 -18.45 -15.58 36.94
C ASN A 170 -19.69 -15.45 36.09
N TYR A 171 -19.58 -14.80 34.92
CA TYR A 171 -20.73 -14.53 34.08
C TYR A 171 -20.73 -15.22 32.72
N VAL A 172 -19.58 -15.31 32.06
CA VAL A 172 -19.52 -15.83 30.67
C VAL A 172 -18.24 -16.56 30.46
N SER A 173 -18.26 -17.44 29.49
CA SER A 173 -17.14 -18.30 29.22
C SER A 173 -16.08 -17.59 28.35
N VAL A 174 -15.23 -16.80 28.98
CA VAL A 174 -14.04 -16.23 28.34
C VAL A 174 -12.88 -16.25 29.32
N ASN A 175 -11.66 -16.30 28.80
CA ASN A 175 -10.45 -16.17 29.64
C ASN A 175 -9.96 -14.74 29.77
N GLY A 176 -10.47 -13.88 28.92
CA GLY A 176 -10.14 -12.48 28.95
C GLY A 176 -11.07 -11.72 28.05
N ALA A 177 -10.91 -10.41 28.02
CA ALA A 177 -11.68 -9.59 27.12
C ALA A 177 -10.91 -8.32 26.83
N THR A 178 -11.08 -7.74 25.64
CA THR A 178 -10.23 -6.62 25.21
C THR A 178 -10.57 -5.36 25.96
N ALA A 179 -9.66 -4.39 25.86
CA ALA A 179 -9.92 -3.06 26.40
C ALA A 179 -10.67 -2.18 25.41
N HIS A 180 -11.20 -2.76 24.33
CA HIS A 180 -11.90 -1.98 23.34
C HIS A 180 -13.28 -2.55 23.01
N PRO A 181 -14.18 -2.59 24.01
CA PRO A 181 -15.56 -2.98 23.66
C PRO A 181 -16.18 -1.93 22.76
N HIS A 182 -17.09 -2.34 21.88
CA HIS A 182 -17.94 -1.40 21.19
C HIS A 182 -19.19 -1.15 22.04
N ILE A 183 -19.70 0.08 21.97
CA ILE A 183 -20.83 0.50 22.73
C ILE A 183 -21.83 1.04 21.71
N GLU A 184 -22.95 0.38 21.53
CA GLU A 184 -24.08 0.96 20.72
C GLU A 184 -24.76 2.13 21.43
N ASN A 185 -25.55 2.91 20.69
CA ASN A 185 -26.19 4.13 21.23
C ASN A 185 -27.20 3.91 22.39
N ASP A 186 -27.85 2.74 22.42
CA ASP A 186 -28.72 2.37 23.53
C ASP A 186 -27.99 1.84 24.79
N GLY A 187 -26.65 1.73 24.76
CA GLY A 187 -25.85 1.24 25.90
C GLY A 187 -25.41 -0.23 25.81
N THR A 188 -25.94 -0.96 24.81
CA THR A 188 -25.50 -2.34 24.55
C THR A 188 -23.97 -2.35 24.38
N VAL A 189 -23.31 -3.31 25.02
CA VAL A 189 -21.86 -3.44 24.98
C VAL A 189 -21.50 -4.74 24.30
N TYR A 190 -20.61 -4.67 23.32
CA TYR A 190 -20.04 -5.86 22.71
C TYR A 190 -18.55 -5.92 23.00
N ASN A 191 -18.04 -7.12 23.22
CA ASN A 191 -16.61 -7.30 23.34
C ASN A 191 -16.22 -8.69 22.84
N ILE A 192 -14.93 -8.92 22.68
CA ILE A 192 -14.41 -10.21 22.23
C ILE A 192 -13.33 -10.69 23.20
N GLY A 193 -13.25 -12.01 23.36
CA GLY A 193 -12.27 -12.61 24.26
C GLY A 193 -11.84 -13.99 23.79
N ASN A 194 -10.63 -14.37 24.19
CA ASN A 194 -10.15 -15.73 24.00
C ASN A 194 -10.96 -16.69 24.88
N CYS A 195 -11.17 -17.91 24.39
CA CYS A 195 -11.76 -18.99 25.17
C CYS A 195 -10.96 -20.30 25.03
N PHE A 196 -10.33 -20.76 26.13
CA PHE A 196 -9.47 -21.99 26.19
C PHE A 196 -10.15 -23.29 26.62
N ILE A 202 -11.31 -24.39 21.68
CA ILE A 202 -10.66 -23.09 21.50
C ILE A 202 -11.43 -22.21 20.51
N ALA A 203 -11.78 -21.00 20.95
CA ALA A 203 -12.53 -20.07 20.12
C ALA A 203 -12.28 -18.63 20.54
N TYR A 204 -12.82 -17.69 19.76
CA TYR A 204 -12.90 -16.30 20.19
C TYR A 204 -14.39 -16.01 20.35
N ASN A 205 -14.81 -15.63 21.54
CA ASN A 205 -16.23 -15.42 21.84
C ASN A 205 -16.59 -13.94 21.87
N ILE A 206 -17.70 -13.62 21.23
CA ILE A 206 -18.29 -12.29 21.32
C ILE A 206 -19.29 -12.25 22.49
N VAL A 207 -19.01 -11.39 23.44
CA VAL A 207 -19.84 -11.14 24.58
C VAL A 207 -20.73 -9.94 24.32
N LYS A 208 -22.01 -10.06 24.66
CA LYS A 208 -23.00 -8.97 24.63
C LYS A 208 -23.56 -8.69 26.01
N ILE A 209 -23.42 -7.47 26.45
CA ILE A 209 -24.00 -7.02 27.68
C ILE A 209 -25.14 -6.08 27.28
N PRO A 210 -26.36 -6.34 27.77
CA PRO A 210 -27.48 -5.52 27.38
C PRO A 210 -27.50 -4.18 28.11
N PRO A 211 -28.27 -3.20 27.61
CA PRO A 211 -28.42 -1.90 28.33
C PRO A 211 -29.11 -2.06 29.68
N LEU A 212 -28.98 -1.09 30.56
CA LEU A 212 -29.72 -1.16 31.84
C LEU A 212 -31.23 -1.19 31.59
N GLN A 213 -31.92 -2.17 32.18
CA GLN A 213 -33.36 -2.34 32.01
C GLN A 213 -34.16 -1.70 33.15
N ALA A 214 -35.49 -1.79 33.08
CA ALA A 214 -36.38 -1.23 34.11
C ALA A 214 -36.13 -1.83 35.50
N ASP A 215 -35.91 -3.15 35.58
CA ASP A 215 -35.59 -3.83 36.85
C ASP A 215 -34.30 -3.38 37.55
N LYS A 216 -33.44 -2.62 36.87
CA LYS A 216 -32.30 -1.93 37.49
C LYS A 216 -31.16 -2.83 37.98
N GLU A 217 -31.23 -4.15 37.74
CA GLU A 217 -30.16 -5.08 38.18
C GLU A 217 -28.98 -4.95 37.22
N ASP A 218 -27.80 -5.33 37.72
CA ASP A 218 -26.54 -5.12 37.04
C ASP A 218 -26.55 -5.86 35.68
N PRO A 219 -26.37 -5.10 34.55
CA PRO A 219 -26.38 -5.73 33.22
C PRO A 219 -25.34 -6.82 33.00
N ILE A 220 -24.23 -6.80 33.74
CA ILE A 220 -23.23 -7.88 33.62
C ILE A 220 -23.81 -9.24 33.95
N SER A 221 -24.79 -9.30 34.85
CA SER A 221 -25.46 -10.60 35.15
C SER A 221 -26.34 -11.11 34.01
N LYS A 222 -26.65 -10.26 33.03
CA LYS A 222 -27.33 -10.70 31.81
C LYS A 222 -26.41 -10.86 30.57
N SER A 223 -25.10 -10.92 30.79
CA SER A 223 -24.10 -11.18 29.73
C SER A 223 -24.33 -12.49 29.06
N GLU A 224 -24.12 -12.55 27.74
CA GLU A 224 -24.08 -13.82 27.03
C GLU A 224 -23.08 -13.82 25.88
N ILE A 225 -22.58 -15.01 25.57
CA ILE A 225 -21.87 -15.24 24.34
C ILE A 225 -22.93 -15.29 23.25
N VAL A 226 -22.88 -14.39 22.28
CA VAL A 226 -23.81 -14.47 21.12
C VAL A 226 -23.26 -15.15 19.87
N VAL A 227 -21.96 -15.05 19.63
CA VAL A 227 -21.36 -15.71 18.48
C VAL A 227 -19.91 -16.02 18.74
N GLN A 228 -19.41 -16.96 17.97
CA GLN A 228 -18.15 -17.59 18.21
C GLN A 228 -17.38 -17.60 16.90
N PHE A 229 -16.10 -17.24 16.97
CA PHE A 229 -15.23 -17.28 15.82
C PHE A 229 -14.27 -18.43 16.00
N PRO A 230 -13.99 -19.16 14.92
CA PRO A 230 -13.09 -20.30 15.02
C PRO A 230 -11.62 -19.88 15.11
N CYS A 231 -10.77 -20.80 15.54
N CYS A 231 -10.78 -20.81 15.56
CA CYS A 231 -9.35 -20.56 15.67
CA CYS A 231 -9.33 -20.58 15.71
C CYS A 231 -8.55 -21.29 14.58
C CYS A 231 -8.56 -21.28 14.59
N SER A 232 -7.50 -20.63 14.08
CA SER A 232 -6.68 -21.19 13.00
C SER A 232 -5.77 -22.36 13.42
N ASP A 233 -5.54 -22.51 14.71
CA ASP A 233 -4.60 -23.49 15.24
C ASP A 233 -5.22 -23.95 16.57
N ARG A 234 -5.53 -25.24 16.70
CA ARG A 234 -6.18 -25.75 17.94
C ARG A 234 -5.44 -25.34 19.22
N PHE A 235 -4.12 -25.43 19.21
CA PHE A 235 -3.32 -25.17 20.41
C PHE A 235 -2.78 -23.74 20.54
N LYS A 236 -2.96 -22.91 19.51
CA LYS A 236 -2.44 -21.53 19.54
C LYS A 236 -3.45 -20.49 19.07
N PRO A 237 -4.15 -19.87 20.02
CA PRO A 237 -5.02 -18.75 19.66
C PRO A 237 -4.26 -17.43 19.40
N SER A 238 -4.80 -16.59 18.53
CA SER A 238 -4.19 -15.32 18.24
C SER A 238 -4.49 -14.36 19.36
N TYR A 239 -3.48 -13.54 19.67
CA TYR A 239 -3.68 -12.36 20.48
C TYR A 239 -4.69 -11.45 19.81
N VAL A 240 -5.60 -10.86 20.58
CA VAL A 240 -6.63 -10.00 20.03
C VAL A 240 -6.80 -8.76 20.88
N HIS A 241 -6.75 -7.61 20.25
CA HIS A 241 -6.76 -6.33 20.91
C HIS A 241 -8.05 -5.52 20.72
N SER A 242 -8.71 -5.68 19.58
CA SER A 242 -9.92 -4.96 19.26
C SER A 242 -10.63 -5.69 18.13
N PHE A 243 -11.77 -5.16 17.72
CA PHE A 243 -12.55 -5.79 16.69
C PHE A 243 -13.45 -4.76 16.04
N GLY A 244 -14.10 -5.14 14.95
CA GLY A 244 -15.00 -4.21 14.24
C GLY A 244 -16.49 -4.53 14.41
N LEU A 245 -17.31 -3.50 14.35
CA LEU A 245 -18.74 -3.66 14.48
C LEU A 245 -19.51 -2.69 13.58
N THR A 246 -20.53 -3.20 12.91
CA THR A 246 -21.43 -2.39 12.09
C THR A 246 -22.84 -2.75 12.55
N PRO A 247 -23.86 -2.06 12.03
CA PRO A 247 -25.23 -2.46 12.43
C PRO A 247 -25.51 -3.96 12.24
N ASN A 248 -24.95 -4.54 11.17
CA ASN A 248 -25.27 -5.90 10.80
C ASN A 248 -24.17 -6.89 10.94
N TYR A 249 -22.94 -6.45 11.17
CA TYR A 249 -21.81 -7.36 11.12
C TYR A 249 -20.82 -7.13 12.21
N ILE A 250 -20.10 -8.21 12.51
CA ILE A 250 -18.97 -8.20 13.44
C ILE A 250 -17.74 -8.64 12.67
N VAL A 251 -16.63 -7.91 12.79
CA VAL A 251 -15.39 -8.25 12.06
C VAL A 251 -14.29 -8.53 13.06
N PHE A 252 -13.62 -9.66 12.85
CA PHE A 252 -12.53 -10.09 13.70
C PHE A 252 -11.31 -10.38 12.83
N VAL A 253 -10.15 -9.84 13.22
CA VAL A 253 -8.91 -10.02 12.45
C VAL A 253 -7.93 -10.92 13.19
N GLU A 254 -7.71 -12.13 12.66
CA GLU A 254 -6.87 -13.13 13.31
C GLU A 254 -5.45 -13.00 12.76
N THR A 255 -4.56 -12.53 13.61
CA THR A 255 -3.20 -12.17 13.22
C THR A 255 -2.27 -13.30 13.53
N PRO A 256 -1.02 -13.23 13.00
CA PRO A 256 -0.09 -14.30 13.27
C PRO A 256 0.65 -14.16 14.61
N VAL A 257 0.30 -13.22 15.46
CA VAL A 257 0.81 -13.19 16.83
C VAL A 257 -0.04 -14.14 17.69
N LYS A 258 0.59 -15.25 18.10
CA LYS A 258 -0.09 -16.34 18.78
C LYS A 258 0.31 -16.42 20.26
N ILE A 259 -0.59 -17.01 21.06
CA ILE A 259 -0.37 -17.30 22.47
C ILE A 259 -0.06 -18.78 22.55
N ASN A 260 1.11 -19.12 23.07
CA ASN A 260 1.53 -20.52 23.14
C ASN A 260 0.97 -21.10 24.43
N LEU A 261 -0.04 -21.96 24.27
CA LEU A 261 -0.79 -22.43 25.41
C LEU A 261 -0.03 -23.48 26.22
N PHE A 262 0.89 -24.22 25.57
CA PHE A 262 1.81 -25.13 26.29
C PHE A 262 2.63 -24.31 27.29
N LYS A 263 3.23 -23.21 26.87
CA LYS A 263 3.92 -22.30 27.82
C LYS A 263 2.93 -21.57 28.77
N PHE A 264 1.75 -21.18 28.27
CA PHE A 264 0.75 -20.36 29.04
C PHE A 264 0.23 -21.12 30.26
N LEU A 265 -0.17 -22.39 30.06
CA LEU A 265 -0.84 -23.22 31.09
C LEU A 265 0.08 -24.09 31.98
N SER A 266 1.40 -24.05 31.78
CA SER A 266 2.35 -24.71 32.70
C SER A 266 2.44 -23.91 34.02
N SER A 267 3.12 -24.47 35.04
CA SER A 267 3.28 -23.76 36.33
C SER A 267 4.31 -22.61 36.16
N TRP A 268 3.80 -21.38 36.28
CA TRP A 268 4.52 -20.15 35.96
C TRP A 268 5.63 -19.77 36.95
N SER A 269 5.40 -19.97 38.24
CA SER A 269 6.42 -19.72 39.27
C SER A 269 7.47 -20.86 39.44
N LEU A 270 7.31 -21.98 38.70
CA LEU A 270 8.40 -22.97 38.53
C LEU A 270 9.50 -22.36 37.64
N TRP A 271 9.25 -22.32 36.32
CA TRP A 271 10.25 -21.83 35.36
C TRP A 271 10.32 -20.28 35.26
N GLY A 272 9.44 -19.57 35.98
CA GLY A 272 9.56 -18.09 36.19
C GLY A 272 9.03 -17.19 35.07
N ALA A 273 7.83 -17.49 34.57
CA ALA A 273 7.30 -16.87 33.37
C ALA A 273 6.32 -15.73 33.61
N ASN A 274 6.21 -14.88 32.58
CA ASN A 274 5.21 -13.82 32.51
C ASN A 274 4.39 -13.97 31.21
N TYR A 275 3.52 -13.00 30.93
CA TYR A 275 2.62 -13.09 29.75
C TYR A 275 3.41 -12.96 28.44
N MET A 276 4.29 -11.96 28.41
CA MET A 276 5.16 -11.73 27.26
C MET A 276 5.94 -12.99 26.83
N ASP A 277 6.37 -13.81 27.79
CA ASP A 277 7.08 -15.06 27.46
C ASP A 277 6.23 -16.10 26.72
N CYS A 278 4.92 -15.92 26.64
CA CYS A 278 4.08 -16.93 26.02
C CYS A 278 3.69 -16.62 24.57
N PHE A 279 4.15 -15.49 24.03
CA PHE A 279 3.79 -15.10 22.67
C PHE A 279 4.80 -15.63 21.69
N GLU A 280 4.34 -16.05 20.53
CA GLU A 280 5.23 -16.39 19.42
C GLU A 280 4.55 -15.96 18.13
N SER A 281 5.29 -15.94 17.02
CA SER A 281 4.76 -15.52 15.71
C SER A 281 4.70 -16.68 14.73
N ASN A 282 3.53 -16.94 14.18
CA ASN A 282 3.37 -17.93 13.13
C ASN A 282 3.80 -17.30 11.82
N GLU A 283 4.84 -17.88 11.21
CA GLU A 283 5.47 -17.28 10.05
C GLU A 283 4.72 -17.49 8.73
N THR A 284 3.84 -18.47 8.65
CA THR A 284 3.25 -18.89 7.39
C THR A 284 1.77 -18.57 7.21
N MET A 285 0.99 -18.37 8.29
CA MET A 285 -0.48 -18.15 8.12
C MET A 285 -0.91 -16.78 7.53
N GLY A 286 -0.05 -15.77 7.62
CA GLY A 286 -0.45 -14.42 7.31
C GLY A 286 -1.52 -13.94 8.26
N VAL A 287 -2.51 -13.23 7.69
CA VAL A 287 -3.72 -12.77 8.42
C VAL A 287 -4.99 -13.38 7.83
N TRP A 288 -5.83 -13.90 8.73
CA TRP A 288 -7.13 -14.43 8.38
C TRP A 288 -8.17 -13.44 8.91
N LEU A 289 -9.08 -12.97 8.04
CA LEU A 289 -10.16 -12.08 8.44
C LEU A 289 -11.52 -12.82 8.49
N HIS A 290 -12.33 -12.46 9.48
CA HIS A 290 -13.53 -13.19 9.84
C HIS A 290 -14.70 -12.22 9.99
N ILE A 291 -15.86 -12.64 9.51
CA ILE A 291 -17.09 -11.89 9.67
C ILE A 291 -18.17 -12.77 10.29
N ALA A 292 -19.01 -12.16 11.13
CA ALA A 292 -20.21 -12.81 11.62
C ALA A 292 -21.40 -11.90 11.39
N ASP A 293 -22.56 -12.55 11.24
CA ASP A 293 -23.86 -11.87 11.15
C ASP A 293 -24.26 -11.49 12.57
N LYS A 294 -24.38 -10.19 12.84
CA LYS A 294 -24.60 -9.74 14.20
C LYS A 294 -26.01 -10.09 14.68
N LYS A 295 -26.99 -9.85 13.81
CA LYS A 295 -28.40 -10.00 14.18
C LYS A 295 -28.86 -11.43 14.15
N ARG A 296 -28.35 -12.23 13.22
CA ARG A 296 -28.66 -13.66 13.20
C ARG A 296 -27.72 -14.47 14.05
N LYS A 297 -26.75 -13.79 14.68
CA LYS A 297 -25.79 -14.42 15.60
C LYS A 297 -25.09 -15.63 14.97
N LYS A 298 -24.45 -15.44 13.83
CA LYS A 298 -23.96 -16.57 13.05
C LYS A 298 -22.62 -16.28 12.37
N TYR A 299 -21.63 -17.15 12.58
CA TYR A 299 -20.37 -17.07 11.85
C TYR A 299 -20.59 -17.30 10.37
N ILE A 300 -19.99 -16.47 9.53
CA ILE A 300 -20.09 -16.60 8.09
C ILE A 300 -18.77 -17.20 7.59
N ASN A 301 -18.87 -18.21 6.76
CA ASN A 301 -17.69 -19.00 6.39
C ASN A 301 -17.00 -18.50 5.13
N ASN A 302 -16.45 -17.31 5.18
CA ASN A 302 -15.70 -16.73 4.08
C ASN A 302 -14.25 -16.69 4.52
N LYS A 303 -13.39 -17.35 3.77
CA LYS A 303 -11.97 -17.47 4.06
C LYS A 303 -11.19 -16.26 3.50
N TYR A 304 -11.32 -15.11 4.15
CA TYR A 304 -10.55 -13.93 3.80
C TYR A 304 -9.11 -14.10 4.29
N ARG A 305 -8.15 -13.86 3.41
CA ARG A 305 -6.72 -14.06 3.69
C ARG A 305 -5.89 -12.87 3.19
N THR A 306 -4.87 -12.48 3.94
CA THR A 306 -3.90 -11.54 3.40
C THR A 306 -2.54 -11.72 4.07
N SER A 307 -1.60 -10.83 3.76
CA SER A 307 -0.24 -10.97 4.23
C SER A 307 -0.06 -10.56 5.70
N PRO A 308 1.09 -10.88 6.33
CA PRO A 308 1.20 -10.68 7.78
C PRO A 308 1.26 -9.25 8.25
N PHE A 309 0.51 -8.98 9.33
CA PHE A 309 0.67 -7.75 10.06
C PHE A 309 0.24 -7.97 11.51
N ASN A 310 0.75 -7.11 12.40
CA ASN A 310 0.16 -6.96 13.72
C ASN A 310 -1.01 -5.98 13.57
N LEU A 311 -2.00 -6.12 14.45
CA LEU A 311 -3.11 -5.16 14.52
C LEU A 311 -3.46 -4.94 15.97
N PHE A 312 -3.47 -3.68 16.37
CA PHE A 312 -4.00 -3.32 17.67
C PHE A 312 -5.37 -2.66 17.55
N HIS A 313 -5.45 -1.59 16.79
CA HIS A 313 -6.65 -0.78 16.74
C HIS A 313 -7.29 -0.77 15.36
N HIS A 314 -8.54 -1.21 15.33
CA HIS A 314 -9.47 -0.87 14.25
C HIS A 314 -9.75 0.61 14.40
N ILE A 315 -9.93 1.30 13.27
CA ILE A 315 -10.30 2.72 13.25
C ILE A 315 -11.83 2.80 13.21
N ASN A 316 -12.40 2.19 12.19
CA ASN A 316 -13.83 2.12 11.99
C ASN A 316 -14.17 1.08 10.92
N THR A 317 -15.39 0.59 10.97
CA THR A 317 -15.86 -0.41 10.05
C THR A 317 -17.24 0.03 9.56
N TYR A 318 -17.56 -0.20 8.30
CA TYR A 318 -18.89 0.13 7.82
C TYR A 318 -19.28 -0.68 6.59
N GLU A 319 -20.58 -0.62 6.27
CA GLU A 319 -21.18 -1.41 5.19
C GLU A 319 -21.36 -0.45 4.04
N ASP A 320 -21.02 -0.88 2.84
CA ASP A 320 -21.21 -0.06 1.64
C ASP A 320 -21.59 -1.02 0.55
N HIS A 321 -22.87 -0.99 0.15
CA HIS A 321 -23.45 -1.99 -0.78
C HIS A 321 -23.13 -3.37 -0.28
N GLU A 322 -22.69 -4.32 -1.09
CA GLU A 322 -22.56 -5.67 -0.51
C GLU A 322 -21.11 -5.88 0.02
N PHE A 323 -20.54 -4.88 0.68
CA PHE A 323 -19.10 -4.88 1.05
C PHE A 323 -18.89 -4.33 2.43
N LEU A 324 -17.93 -4.88 3.16
CA LEU A 324 -17.48 -4.28 4.40
C LEU A 324 -16.16 -3.52 4.22
N ILE A 325 -16.18 -2.24 4.61
CA ILE A 325 -15.01 -1.40 4.60
C ILE A 325 -14.38 -1.55 5.98
N VAL A 326 -13.12 -1.96 6.04
CA VAL A 326 -12.43 -2.26 7.28
C VAL A 326 -11.14 -1.42 7.37
N ASP A 327 -11.18 -0.35 8.13
CA ASP A 327 -10.04 0.56 8.27
C ASP A 327 -9.24 0.19 9.55
N LEU A 328 -7.92 0.00 9.37
CA LEU A 328 -7.06 -0.57 10.38
C LEU A 328 -5.76 0.22 10.54
N CYS A 329 -5.25 0.29 11.75
CA CYS A 329 -3.88 0.70 12.01
C CYS A 329 -3.04 -0.58 12.06
N CYS A 330 -2.23 -0.82 11.02
CA CYS A 330 -1.44 -2.03 10.88
C CYS A 330 0.03 -1.81 11.20
N TRP A 331 0.72 -2.91 11.48
CA TRP A 331 2.17 -2.94 11.60
C TRP A 331 2.65 -4.07 10.67
N LYS A 332 3.44 -3.70 9.66
CA LYS A 332 3.81 -4.63 8.60
C LYS A 332 4.90 -5.57 9.11
N GLY A 333 4.55 -6.84 9.24
CA GLY A 333 5.43 -7.85 9.78
C GLY A 333 4.72 -8.79 10.72
N PHE A 334 5.36 -9.91 11.06
CA PHE A 334 4.77 -10.84 12.02
C PHE A 334 5.38 -10.80 13.43
N GLU A 335 6.56 -10.18 13.57
CA GLU A 335 7.16 -10.01 14.91
C GLU A 335 6.20 -9.21 15.79
N PHE A 336 6.08 -9.59 17.05
CA PHE A 336 5.19 -8.90 17.98
C PHE A 336 5.73 -7.51 18.34
N VAL A 337 4.96 -6.50 17.97
CA VAL A 337 5.37 -5.13 18.20
C VAL A 337 5.65 -4.86 19.69
N TYR A 338 4.95 -5.58 20.57
CA TYR A 338 5.14 -5.43 22.02
C TYR A 338 6.57 -5.76 22.49
N ASN A 339 7.33 -6.51 21.69
CA ASN A 339 8.76 -6.73 21.98
C ASN A 339 9.61 -5.45 22.05
N TYR A 340 9.19 -4.38 21.38
CA TYR A 340 9.93 -3.12 21.33
C TYR A 340 9.48 -2.17 22.41
N LEU A 341 8.62 -2.61 23.32
CA LEU A 341 8.02 -1.73 24.33
C LEU A 341 8.41 -2.06 25.81
N TYR A 342 9.53 -2.73 26.02
CA TYR A 342 10.15 -2.79 27.37
C TYR A 342 10.57 -1.39 27.75
N LEU A 343 10.38 -1.02 29.02
CA LEU A 343 10.74 0.34 29.50
C LEU A 343 12.20 0.72 29.30
N ALA A 344 13.09 -0.24 29.50
CA ALA A 344 14.54 -0.05 29.25
C ALA A 344 14.84 0.50 27.84
N ASN A 345 14.12 0.00 26.85
CA ASN A 345 14.26 0.50 25.48
C ASN A 345 13.63 1.87 25.30
N LEU A 346 12.40 2.06 25.81
CA LEU A 346 11.73 3.35 25.71
C LEU A 346 12.40 4.47 26.52
N ARG A 347 13.23 4.10 27.50
CA ARG A 347 14.01 5.09 28.28
C ARG A 347 15.41 5.40 27.77
N GLU A 348 15.84 4.72 26.71
CA GLU A 348 17.11 5.02 26.02
C GLU A 348 17.14 6.43 25.46
N ASN A 349 18.34 6.84 25.11
CA ASN A 349 18.50 8.11 24.42
C ASN A 349 18.05 8.01 22.97
N TRP A 350 17.77 9.16 22.38
CA TRP A 350 17.05 9.27 21.13
C TRP A 350 17.65 8.46 19.95
N GLU A 351 18.97 8.58 19.79
CA GLU A 351 19.67 7.86 18.72
C GLU A 351 19.51 6.36 18.87
N GLU A 352 19.55 5.88 20.12
N GLU A 352 19.55 5.88 20.12
CA GLU A 352 19.38 4.47 20.44
CA GLU A 352 19.37 4.45 20.43
C GLU A 352 17.92 4.02 20.27
C GLU A 352 17.91 4.02 20.27
N VAL A 353 16.97 4.88 20.63
CA VAL A 353 15.54 4.61 20.38
C VAL A 353 15.28 4.39 18.89
N LYS A 354 15.80 5.31 18.06
CA LYS A 354 15.64 5.19 16.63
C LYS A 354 16.30 3.91 16.10
N LYS A 355 17.52 3.61 16.56
CA LYS A 355 18.26 2.41 16.12
C LYS A 355 17.46 1.15 16.42
N ASN A 356 16.94 1.06 17.65
CA ASN A 356 16.14 -0.09 18.09
C ASN A 356 14.89 -0.32 17.22
N ALA A 357 14.27 0.75 16.76
CA ALA A 357 13.04 0.62 15.99
C ALA A 357 13.24 0.32 14.49
N ARG A 358 14.49 0.33 14.02
N ARG A 358 14.48 0.33 14.02
CA ARG A 358 14.81 0.10 12.59
CA ARG A 358 14.79 0.09 12.60
C ARG A 358 14.30 -1.26 12.06
C ARG A 358 14.32 -1.26 12.05
N LYS A 359 14.43 -2.30 12.87
CA LYS A 359 14.03 -3.65 12.47
C LYS A 359 12.61 -4.04 12.87
N ALA A 360 11.89 -3.13 13.52
CA ALA A 360 10.51 -3.39 13.93
C ALA A 360 9.57 -3.35 12.73
N PRO A 361 8.38 -3.94 12.87
CA PRO A 361 7.37 -3.78 11.81
C PRO A 361 7.09 -2.31 11.54
N GLN A 362 6.75 -1.98 10.30
CA GLN A 362 6.42 -0.59 9.91
C GLN A 362 4.90 -0.30 10.04
N PRO A 363 4.54 0.80 10.69
CA PRO A 363 3.15 1.14 10.84
C PRO A 363 2.56 1.66 9.51
N GLU A 364 1.30 1.33 9.27
CA GLU A 364 0.63 1.78 8.06
C GLU A 364 -0.88 1.69 8.28
N VAL A 365 -1.60 2.75 7.97
CA VAL A 365 -3.05 2.73 7.94
C VAL A 365 -3.48 2.12 6.59
N ARG A 366 -4.32 1.10 6.68
CA ARG A 366 -4.82 0.34 5.55
C ARG A 366 -6.34 0.20 5.57
N ARG A 367 -6.93 0.34 4.39
CA ARG A 367 -8.33 0.01 4.17
C ARG A 367 -8.46 -1.35 3.47
N TYR A 368 -9.10 -2.30 4.12
CA TYR A 368 -9.44 -3.59 3.51
C TYR A 368 -10.91 -3.59 3.16
N VAL A 369 -11.28 -4.28 2.08
CA VAL A 369 -12.65 -4.32 1.60
C VAL A 369 -13.08 -5.77 1.42
N LEU A 370 -14.12 -6.15 2.13
CA LEU A 370 -14.54 -7.55 2.26
C LEU A 370 -15.86 -7.79 1.50
N PRO A 371 -15.81 -8.54 0.38
CA PRO A 371 -17.08 -8.76 -0.30
C PRO A 371 -17.99 -9.71 0.50
N LEU A 372 -19.28 -9.40 0.54
CA LEU A 372 -20.27 -10.30 1.15
C LEU A 372 -20.96 -11.24 0.14
N ASN A 373 -21.02 -10.87 -1.15
CA ASN A 373 -21.51 -11.77 -2.23
C ASN A 373 -20.39 -12.46 -2.99
N ILE A 374 -20.06 -13.69 -2.62
CA ILE A 374 -19.00 -14.44 -3.31
C ILE A 374 -19.68 -15.32 -4.39
N ASP A 375 -19.60 -14.91 -5.65
CA ASP A 375 -20.04 -15.75 -6.80
C ASP A 375 -18.87 -16.62 -7.36
N LYS A 376 -18.99 -17.95 -7.25
CA LYS A 376 -18.06 -18.90 -7.91
C LYS A 376 -17.74 -18.59 -9.37
N ALA A 377 -18.71 -18.08 -10.11
CA ALA A 377 -18.48 -17.66 -11.48
C ALA A 377 -17.40 -16.58 -11.61
N ASP A 378 -17.12 -15.82 -10.54
CA ASP A 378 -15.98 -14.85 -10.51
C ASP A 378 -14.64 -15.40 -10.01
N THR A 379 -14.52 -16.72 -9.87
CA THR A 379 -13.24 -17.31 -9.50
C THR A 379 -12.07 -16.78 -10.36
N GLY A 380 -11.01 -16.33 -9.69
CA GLY A 380 -9.83 -15.78 -10.35
C GLY A 380 -9.82 -14.25 -10.52
N LYS A 381 -10.93 -13.61 -10.18
CA LYS A 381 -11.08 -12.18 -10.36
C LYS A 381 -11.22 -11.36 -9.06
N ASN A 382 -11.13 -10.05 -9.25
CA ASN A 382 -11.30 -9.06 -8.20
C ASN A 382 -12.79 -8.80 -7.98
N LEU A 383 -13.29 -9.06 -6.78
CA LEU A 383 -14.71 -8.92 -6.44
C LEU A 383 -15.08 -7.54 -6.01
N VAL A 384 -14.08 -6.69 -5.76
CA VAL A 384 -14.30 -5.36 -5.20
C VAL A 384 -14.60 -4.41 -6.34
N THR A 385 -15.89 -4.36 -6.66
CA THR A 385 -16.40 -3.59 -7.79
C THR A 385 -16.78 -2.17 -7.38
N LEU A 386 -16.60 -1.79 -6.11
CA LEU A 386 -16.87 -0.41 -5.69
C LEU A 386 -16.06 0.59 -6.49
N PRO A 387 -16.60 1.80 -6.66
CA PRO A 387 -15.95 2.74 -7.58
C PRO A 387 -14.83 3.61 -6.98
N ASN A 388 -14.75 3.71 -5.65
CA ASN A 388 -13.84 4.67 -4.99
C ASN A 388 -12.82 4.05 -4.05
N THR A 389 -12.37 2.84 -4.36
CA THR A 389 -11.27 2.21 -3.64
C THR A 389 -10.34 1.49 -4.63
N THR A 390 -9.09 1.29 -4.20
CA THR A 390 -8.13 0.42 -4.87
C THR A 390 -7.90 -0.89 -4.15
N ALA A 391 -8.58 -1.10 -3.03
CA ALA A 391 -8.57 -2.37 -2.35
C ALA A 391 -9.12 -3.46 -3.28
N THR A 392 -8.55 -4.65 -3.17
CA THR A 392 -8.98 -5.80 -3.96
C THR A 392 -9.26 -7.04 -3.11
N ALA A 393 -10.01 -7.96 -3.71
CA ALA A 393 -10.34 -9.23 -3.08
C ALA A 393 -10.51 -10.30 -4.17
N ILE A 394 -9.61 -11.29 -4.14
CA ILE A 394 -9.53 -12.24 -5.23
C ILE A 394 -10.01 -13.61 -4.79
N LEU A 395 -11.05 -14.08 -5.47
CA LEU A 395 -11.59 -15.40 -5.21
C LEU A 395 -10.72 -16.48 -5.84
N CYS A 396 -10.09 -17.28 -5.00
CA CYS A 396 -9.26 -18.37 -5.46
C CYS A 396 -10.10 -19.66 -5.60
N SER A 397 -9.53 -20.64 -6.30
CA SER A 397 -10.13 -21.96 -6.52
C SER A 397 -10.31 -22.76 -5.27
N ASP A 398 -9.38 -22.66 -4.33
CA ASP A 398 -9.62 -23.23 -2.99
C ASP A 398 -10.63 -22.42 -2.16
N GLU A 399 -11.24 -21.38 -2.74
CA GLU A 399 -12.27 -20.54 -2.09
C GLU A 399 -11.76 -19.55 -1.03
N THR A 400 -10.45 -19.49 -0.82
CA THR A 400 -9.87 -18.39 -0.07
C THR A 400 -10.04 -17.13 -0.93
N ILE A 401 -10.17 -16.00 -0.24
CA ILE A 401 -10.39 -14.72 -0.84
C ILE A 401 -9.19 -13.86 -0.42
N TRP A 402 -8.26 -13.66 -1.35
CA TRP A 402 -7.01 -13.00 -1.06
C TRP A 402 -7.23 -11.48 -1.16
N LEU A 403 -6.83 -10.74 -0.13
CA LEU A 403 -7.11 -9.30 -0.06
C LEU A 403 -5.85 -8.49 -0.24
N GLU A 404 -5.96 -7.34 -0.89
CA GLU A 404 -4.89 -6.34 -0.90
C GLU A 404 -5.53 -5.09 -0.41
N PRO A 405 -4.78 -4.26 0.33
CA PRO A 405 -5.32 -3.06 0.90
C PRO A 405 -5.17 -1.85 -0.01
N GLU A 406 -5.97 -0.83 0.30
CA GLU A 406 -5.72 0.54 -0.12
C GLU A 406 -5.05 1.20 1.08
N VAL A 407 -3.86 1.74 0.87
CA VAL A 407 -3.10 2.40 1.92
C VAL A 407 -3.60 3.81 2.07
N LEU A 408 -3.97 4.20 3.28
CA LEU A 408 -4.48 5.54 3.54
C LEU A 408 -3.42 6.46 4.10
N PHE A 409 -2.40 5.92 4.79
CA PHE A 409 -1.33 6.72 5.37
C PHE A 409 -0.14 5.84 5.65
N SER A 410 1.06 6.34 5.32
CA SER A 410 2.29 5.58 5.44
C SER A 410 3.46 6.53 5.60
N GLY A 411 4.15 6.44 6.73
CA GLY A 411 5.33 7.26 6.99
C GLY A 411 6.39 6.42 7.68
N PRO A 412 7.69 6.66 7.40
CA PRO A 412 8.80 5.84 7.95
C PRO A 412 8.89 5.87 9.47
N ARG A 413 8.47 4.79 10.10
CA ARG A 413 8.37 4.69 11.56
C ARG A 413 7.53 5.83 12.19
N GLN A 414 6.59 6.34 11.39
CA GLN A 414 5.68 7.36 11.81
C GLN A 414 4.34 6.68 11.83
N ALA A 415 3.88 6.27 13.01
CA ALA A 415 2.58 5.59 13.15
C ALA A 415 1.46 6.58 13.38
N PHE A 416 0.37 6.44 12.62
CA PHE A 416 -0.91 7.05 12.97
C PHE A 416 -1.57 5.98 13.81
N GLU A 417 -1.58 6.19 15.13
CA GLU A 417 -2.03 5.18 16.11
C GLU A 417 -3.03 5.78 17.07
N PHE A 418 -3.53 4.95 17.97
CA PHE A 418 -4.58 5.33 18.93
C PHE A 418 -5.68 6.08 18.24
N PRO A 419 -6.27 5.48 17.19
CA PRO A 419 -7.27 6.22 16.41
C PRO A 419 -8.57 6.45 17.18
N GLN A 420 -9.21 7.58 16.86
CA GLN A 420 -10.53 7.94 17.34
C GLN A 420 -11.34 8.60 16.23
N ILE A 421 -12.65 8.44 16.28
CA ILE A 421 -13.52 9.07 15.29
C ILE A 421 -14.62 9.77 16.06
N ASN A 422 -15.53 10.44 15.37
CA ASN A 422 -16.78 10.89 15.97
C ASN A 422 -17.65 9.64 16.11
N TYR A 423 -17.40 8.94 17.22
CA TYR A 423 -17.88 7.59 17.42
C TYR A 423 -19.41 7.49 17.55
N GLN A 424 -20.03 8.37 18.34
CA GLN A 424 -21.47 8.25 18.61
C GLN A 424 -22.33 8.36 17.37
N LYS A 425 -21.98 9.27 16.48
CA LYS A 425 -22.76 9.48 15.26
C LYS A 425 -22.21 8.70 14.04
N TYR A 426 -20.92 8.33 14.03
CA TYR A 426 -20.29 7.66 12.83
C TYR A 426 -19.67 6.27 13.04
N GLY A 427 -19.60 5.79 14.27
CA GLY A 427 -19.13 4.45 14.56
C GLY A 427 -20.01 3.42 13.86
N GLY A 428 -19.38 2.52 13.12
CA GLY A 428 -20.09 1.50 12.38
C GLY A 428 -20.71 1.99 11.09
N LYS A 429 -20.44 3.24 10.71
CA LYS A 429 -21.12 3.89 9.58
C LYS A 429 -20.17 4.61 8.63
N PRO A 430 -20.65 4.86 7.40
CA PRO A 430 -19.85 5.68 6.48
C PRO A 430 -19.29 6.91 7.16
N TYR A 431 -18.03 7.22 6.93
CA TYR A 431 -17.35 8.30 7.64
C TYR A 431 -16.21 8.81 6.81
N THR A 432 -15.64 9.93 7.26
CA THR A 432 -14.60 10.66 6.52
C THR A 432 -13.36 10.95 7.33
N TYR A 433 -13.48 11.15 8.64
CA TYR A 433 -12.35 11.64 9.43
C TYR A 433 -11.95 10.72 10.60
N ALA A 434 -10.64 10.56 10.77
CA ALA A 434 -10.09 9.93 11.96
C ALA A 434 -9.05 10.85 12.57
N TYR A 435 -8.91 10.77 13.88
CA TYR A 435 -7.90 11.51 14.64
C TYR A 435 -6.98 10.44 15.25
N GLY A 436 -5.73 10.77 15.45
CA GLY A 436 -4.78 9.80 15.93
C GLY A 436 -3.61 10.42 16.66
N LEU A 437 -2.92 9.57 17.40
CA LEU A 437 -1.68 9.95 18.02
C LEU A 437 -0.52 9.50 17.12
N GLY A 438 0.39 10.43 16.85
CA GLY A 438 1.52 10.17 15.96
C GLY A 438 2.72 9.68 16.73
N LEU A 439 3.17 8.48 16.42
CA LEU A 439 4.36 7.92 17.04
C LEU A 439 5.55 8.04 16.11
N ASN A 440 6.69 8.40 16.69
CA ASN A 440 7.94 8.61 15.97
C ASN A 440 8.93 7.65 16.54
N HIS A 441 9.13 6.52 15.87
CA HIS A 441 9.93 5.43 16.42
C HIS A 441 9.42 5.06 17.81
N PHE A 442 8.10 4.93 17.93
CA PHE A 442 7.34 4.59 19.15
C PHE A 442 7.12 5.73 20.16
N VAL A 443 7.78 6.87 19.97
CA VAL A 443 7.65 8.03 20.86
C VAL A 443 6.50 8.91 20.38
N PRO A 444 5.49 9.11 21.24
CA PRO A 444 4.35 9.97 20.85
C PRO A 444 4.76 11.43 20.83
N ASP A 445 4.78 12.05 19.65
CA ASP A 445 5.21 13.43 19.56
C ASP A 445 4.30 14.36 18.76
N ARG A 446 3.09 13.93 18.39
CA ARG A 446 2.18 14.80 17.60
C ARG A 446 0.79 14.27 17.56
N LEU A 447 -0.13 15.10 17.11
CA LEU A 447 -1.49 14.69 16.91
C LEU A 447 -1.85 14.85 15.44
N CYS A 448 -2.67 13.92 14.94
CA CYS A 448 -2.95 13.79 13.50
C CYS A 448 -4.40 13.71 13.17
N LYS A 449 -4.73 14.15 11.98
CA LYS A 449 -6.07 14.00 11.44
C LYS A 449 -5.96 13.48 10.02
N LEU A 450 -6.79 12.53 9.68
CA LEU A 450 -6.74 11.90 8.39
C LEU A 450 -8.11 11.94 7.79
N ASN A 451 -8.22 12.47 6.59
CA ASN A 451 -9.42 12.32 5.79
C ASN A 451 -9.27 11.00 5.03
N VAL A 452 -10.11 10.02 5.35
CA VAL A 452 -9.94 8.68 4.77
C VAL A 452 -10.38 8.58 3.31
N LYS A 453 -11.14 9.55 2.81
CA LYS A 453 -11.53 9.59 1.39
C LYS A 453 -10.44 10.20 0.51
N THR A 454 -9.91 11.35 0.92
CA THR A 454 -8.92 12.10 0.14
C THR A 454 -7.47 11.83 0.51
N LYS A 455 -7.23 11.27 1.71
CA LYS A 455 -5.89 11.07 2.26
C LYS A 455 -5.15 12.35 2.70
N GLU A 456 -5.84 13.47 2.75
CA GLU A 456 -5.22 14.66 3.28
C GLU A 456 -4.99 14.41 4.78
N THR A 457 -3.90 14.97 5.30
CA THR A 457 -3.61 14.94 6.71
C THR A 457 -3.38 16.35 7.29
N TRP A 458 -3.57 16.49 8.60
CA TRP A 458 -3.29 17.69 9.36
C TRP A 458 -2.46 17.26 10.58
N VAL A 459 -1.53 18.10 10.99
CA VAL A 459 -0.64 17.77 12.11
C VAL A 459 -0.61 18.91 13.12
N TRP A 460 -0.56 18.53 14.39
CA TRP A 460 -0.28 19.47 15.44
C TRP A 460 0.97 18.95 16.13
N GLN A 461 1.95 19.83 16.30
CA GLN A 461 3.20 19.45 16.93
C GLN A 461 3.94 20.67 17.50
N GLU A 462 4.42 20.49 18.73
CA GLU A 462 5.41 21.40 19.35
C GLU A 462 6.64 20.65 19.83
N PRO A 463 7.83 21.31 19.79
CA PRO A 463 9.08 20.69 20.27
C PRO A 463 8.96 20.11 21.70
N ASP A 464 9.62 18.99 21.95
CA ASP A 464 9.68 18.46 23.31
C ASP A 464 8.30 18.33 23.99
N SER A 465 7.31 17.93 23.21
CA SER A 465 5.94 17.74 23.69
C SER A 465 5.39 16.37 23.29
N TYR A 466 4.86 15.65 24.26
CA TYR A 466 4.53 14.24 24.13
C TYR A 466 3.05 14.01 24.45
N PRO A 467 2.18 14.04 23.41
CA PRO A 467 0.75 13.95 23.62
C PRO A 467 0.22 12.55 23.83
N SER A 468 -1.08 12.49 24.13
CA SER A 468 -1.81 11.23 24.33
C SER A 468 -2.80 11.10 23.19
N GLU A 469 -3.44 9.94 23.15
CA GLU A 469 -4.57 9.70 22.25
C GLU A 469 -5.50 10.87 22.28
N PRO A 470 -5.89 11.40 21.10
CA PRO A 470 -6.83 12.53 21.05
C PRO A 470 -8.24 11.99 21.14
N ILE A 471 -9.11 12.67 21.87
CA ILE A 471 -10.49 12.25 21.96
C ILE A 471 -11.41 13.34 21.42
N PHE A 472 -12.34 12.94 20.57
CA PHE A 472 -13.23 13.86 19.89
C PHE A 472 -14.47 14.14 20.69
N VAL A 473 -14.87 15.40 20.75
CA VAL A 473 -16.12 15.79 21.35
C VAL A 473 -16.85 16.71 20.37
N SER A 474 -18.03 16.28 19.98
CA SER A 474 -18.88 17.05 19.09
C SER A 474 -19.38 18.29 19.80
N HIS A 475 -19.46 19.38 19.04
CA HIS A 475 -20.35 20.42 19.45
C HIS A 475 -21.73 19.72 19.56
N PRO A 476 -22.46 19.99 20.66
CA PRO A 476 -23.70 19.20 20.88
C PRO A 476 -24.80 19.38 19.80
N ASP A 477 -24.82 20.53 19.15
CA ASP A 477 -25.69 20.81 17.97
C ASP A 477 -25.07 20.66 16.56
N ALA A 478 -23.93 19.97 16.48
CA ALA A 478 -23.24 19.76 15.21
C ALA A 478 -24.09 18.94 14.24
N LEU A 479 -24.10 19.35 12.98
CA LEU A 479 -24.60 18.48 11.90
C LEU A 479 -23.46 17.84 11.10
N GLU A 480 -22.30 18.49 11.04
CA GLU A 480 -21.13 17.96 10.34
C GLU A 480 -20.30 16.99 11.19
N GLU A 481 -19.53 16.13 10.52
CA GLU A 481 -18.76 15.07 11.16
C GLU A 481 -17.63 15.56 12.11
N ASP A 482 -16.93 16.61 11.70
CA ASP A 482 -15.80 17.17 12.44
C ASP A 482 -16.06 18.56 13.05
N ASP A 483 -17.31 18.84 13.44
CA ASP A 483 -17.63 20.10 14.13
C ASP A 483 -17.54 19.88 15.61
N GLY A 484 -16.36 20.15 16.16
CA GLY A 484 -16.08 19.90 17.57
C GLY A 484 -14.65 20.15 17.98
N VAL A 485 -14.20 19.50 19.03
CA VAL A 485 -12.78 19.59 19.43
C VAL A 485 -12.17 18.23 19.71
N VAL A 486 -10.84 18.15 19.70
CA VAL A 486 -10.15 17.01 20.30
C VAL A 486 -9.40 17.43 21.59
N LEU A 487 -9.36 16.52 22.53
CA LEU A 487 -8.70 16.71 23.79
C LEU A 487 -7.53 15.75 23.84
N SER A 488 -6.38 16.21 24.29
CA SER A 488 -5.20 15.36 24.48
C SER A 488 -4.49 15.83 25.72
N VAL A 489 -3.93 14.89 26.47
CA VAL A 489 -3.08 15.22 27.60
C VAL A 489 -1.64 15.22 27.11
N VAL A 490 -0.94 16.35 27.30
CA VAL A 490 0.40 16.55 26.77
C VAL A 490 1.43 16.73 27.88
N VAL A 491 2.52 15.97 27.79
CA VAL A 491 3.64 16.04 28.71
C VAL A 491 4.69 16.94 28.05
N SER A 492 5.06 18.01 28.74
CA SER A 492 5.98 19.02 28.24
C SER A 492 7.11 19.25 29.23
N PRO A 493 8.12 18.35 29.28
CA PRO A 493 9.17 18.50 30.27
C PRO A 493 10.18 19.55 29.88
N GLY A 494 11.18 19.75 30.74
CA GLY A 494 12.18 20.76 30.49
C GLY A 494 11.63 22.13 30.83
N ALA A 495 12.34 22.81 31.75
CA ALA A 495 11.91 24.09 32.30
C ALA A 495 11.88 25.16 31.21
N GLY A 496 11.20 26.26 31.51
CA GLY A 496 10.65 27.14 30.47
C GLY A 496 9.19 26.79 30.18
N GLN A 497 8.70 25.72 30.81
CA GLN A 497 7.32 25.26 30.66
C GLN A 497 6.90 24.52 31.93
N LYS A 498 5.59 24.46 32.18
CA LYS A 498 5.02 23.64 33.26
C LYS A 498 5.09 22.17 32.80
N PRO A 499 5.12 21.20 33.71
CA PRO A 499 5.34 19.79 33.32
C PRO A 499 4.35 19.13 32.32
N ALA A 500 3.10 19.59 32.31
CA ALA A 500 2.03 18.96 31.53
C ALA A 500 0.85 19.89 31.30
N TYR A 501 -0.02 19.52 30.36
CA TYR A 501 -1.22 20.31 30.14
C TYR A 501 -2.28 19.55 29.35
N LEU A 502 -3.52 19.98 29.52
CA LEU A 502 -4.58 19.52 28.68
C LEU A 502 -4.68 20.39 27.45
N LEU A 503 -4.64 19.76 26.27
CA LEU A 503 -4.68 20.48 24.99
C LEU A 503 -6.05 20.35 24.35
N ILE A 504 -6.63 21.47 23.94
CA ILE A 504 -7.86 21.50 23.17
C ILE A 504 -7.60 22.07 21.76
N LEU A 505 -7.84 21.23 20.75
CA LEU A 505 -7.64 21.58 19.36
C LEU A 505 -8.99 21.62 18.68
N ASN A 506 -9.12 22.47 17.68
CA ASN A 506 -10.31 22.47 16.84
C ASN A 506 -10.23 21.29 15.89
N ALA A 507 -11.29 20.49 15.84
CA ALA A 507 -11.29 19.28 15.03
C ALA A 507 -11.23 19.50 13.53
N LYS A 508 -11.63 20.68 13.05
CA LYS A 508 -11.60 21.00 11.60
C LYS A 508 -10.22 20.94 11.03
N ASP A 509 -9.30 21.65 11.67
CA ASP A 509 -7.93 21.88 11.15
C ASP A 509 -6.83 21.67 12.19
N LEU A 510 -7.15 21.08 13.33
CA LEU A 510 -6.20 20.92 14.43
C LEU A 510 -5.49 22.21 14.90
N SER A 511 -6.11 23.36 14.75
CA SER A 511 -5.55 24.59 15.30
C SER A 511 -5.90 24.67 16.78
N GLU A 512 -4.96 25.17 17.57
CA GLU A 512 -5.14 25.26 19.01
C GLU A 512 -6.28 26.24 19.37
N VAL A 513 -7.07 25.80 20.33
CA VAL A 513 -8.19 26.56 20.88
C VAL A 513 -7.84 27.01 22.31
N ALA A 514 -7.25 26.12 23.09
CA ALA A 514 -6.89 26.42 24.48
C ALA A 514 -5.96 25.39 25.03
N ARG A 515 -5.28 25.74 26.12
CA ARG A 515 -4.66 24.73 26.96
C ARG A 515 -4.80 25.04 28.43
N ALA A 516 -4.71 23.99 29.24
CA ALA A 516 -4.92 24.05 30.66
C ALA A 516 -3.73 23.38 31.33
N GLU A 517 -2.78 24.21 31.79
CA GLU A 517 -1.51 23.73 32.38
C GLU A 517 -1.67 23.29 33.81
N VAL A 518 -0.95 22.25 34.20
CA VAL A 518 -0.89 21.82 35.58
C VAL A 518 0.55 21.77 36.05
N GLU A 519 0.74 21.86 37.37
CA GLU A 519 2.05 22.04 38.01
C GLU A 519 2.84 20.75 38.25
N ILE A 520 2.26 19.60 37.92
CA ILE A 520 2.88 18.29 38.19
C ILE A 520 3.01 17.46 36.90
N ASN A 521 3.91 16.49 36.94
CA ASN A 521 4.07 15.56 35.83
C ASN A 521 2.84 14.65 35.71
N ILE A 522 2.64 14.19 34.47
CA ILE A 522 1.64 13.18 34.15
C ILE A 522 2.34 12.12 33.31
N PRO A 523 2.26 10.85 33.69
CA PRO A 523 2.88 9.86 32.83
C PRO A 523 2.00 9.49 31.62
N VAL A 524 2.50 8.57 30.82
CA VAL A 524 1.80 8.05 29.66
C VAL A 524 0.38 7.56 30.07
N THR A 525 -0.59 7.80 29.18
CA THR A 525 -1.90 7.22 29.29
C THR A 525 -2.25 6.62 27.94
N PHE A 526 -3.07 5.57 27.97
CA PHE A 526 -3.39 4.79 26.79
C PHE A 526 -4.70 5.22 26.20
N HIS A 527 -5.78 4.94 26.91
CA HIS A 527 -7.12 5.19 26.40
C HIS A 527 -8.01 5.84 27.43
N GLY A 528 -9.17 6.25 26.96
CA GLY A 528 -10.17 6.86 27.83
C GLY A 528 -11.41 7.32 27.11
N LEU A 529 -12.12 8.27 27.72
CA LEU A 529 -13.38 8.78 27.15
C LEU A 529 -13.67 10.16 27.69
N PHE A 530 -14.61 10.83 27.02
CA PHE A 530 -15.20 12.04 27.55
C PHE A 530 -16.58 11.67 28.08
N LYS A 531 -16.85 12.03 29.33
CA LYS A 531 -18.15 11.81 29.95
C LYS A 531 -18.88 13.14 30.00
N LYS A 532 -19.90 13.31 29.17
CA LYS A 532 -20.74 14.52 29.18
C LYS A 532 -21.51 14.61 30.50
N SER A 533 -21.49 15.79 31.11
CA SER A 533 -22.32 16.04 32.26
C SER A 533 -23.18 17.26 31.93
C ACE B 1 -3.75 11.01 -11.19
O ACE B 1 -3.62 10.42 -12.26
CH3 ACE B 1 -2.60 11.72 -10.51
N SER B 2 -4.89 11.05 -10.54
CA SER B 2 -6.15 10.48 -11.12
C SER B 2 -6.74 11.42 -12.22
N SER B 3 -7.57 10.81 -13.08
CA SER B 3 -8.35 11.53 -14.06
C SER B 3 -9.55 12.22 -13.36
N GLN B 4 -9.99 13.35 -13.92
CA GLN B 4 -11.17 14.08 -13.46
C GLN B 4 -12.21 14.19 -14.59
N VAL B 5 -12.30 13.14 -15.42
CA VAL B 5 -13.02 13.23 -16.65
C VAL B 5 -13.71 11.88 -16.99
N GLU B 6 -14.95 11.99 -17.51
CA GLU B 6 -15.67 10.91 -18.16
C GLU B 6 -15.51 11.04 -19.67
N HIS B 7 -15.87 10.00 -20.39
CA HIS B 7 -15.73 9.95 -21.86
C HIS B 7 -17.01 9.42 -22.57
N PRO B 8 -18.20 9.99 -22.22
CA PRO B 8 -19.46 9.53 -22.84
C PRO B 8 -19.47 9.63 -24.38
N ALA B 9 -18.76 10.61 -24.95
CA ALA B 9 -18.66 10.71 -26.45
C ALA B 9 -17.94 9.56 -27.14
N GLY B 10 -17.19 8.72 -26.43
CA GLY B 10 -16.52 7.56 -27.04
C GLY B 10 -15.34 7.85 -27.99
N GLY B 11 -14.76 9.04 -27.91
CA GLY B 11 -13.67 9.43 -28.81
C GLY B 11 -12.43 8.54 -28.83
N TYR B 12 -12.17 7.88 -27.70
CA TYR B 12 -11.11 6.87 -27.56
C TYR B 12 -11.16 5.77 -28.63
N LYS B 13 -12.32 5.53 -29.22
CA LYS B 13 -12.43 4.54 -30.32
C LYS B 13 -11.52 4.87 -31.48
N LYS B 14 -11.25 6.15 -31.71
CA LYS B 14 -10.29 6.53 -32.73
C LYS B 14 -8.85 6.01 -32.54
N LEU B 15 -8.50 5.61 -31.32
CA LEU B 15 -7.20 5.01 -31.06
C LEU B 15 -7.05 3.66 -31.78
N PHE B 16 -8.18 2.99 -32.03
CA PHE B 16 -8.21 1.63 -32.57
C PHE B 16 -8.81 1.55 -33.99
N GLU B 17 -8.66 2.61 -34.77
CA GLU B 17 -9.20 2.71 -36.10
C GLU B 17 -8.08 2.79 -37.11
N THR B 18 -8.12 1.90 -38.09
CA THR B 18 -7.21 1.96 -39.19
C THR B 18 -6.94 3.39 -39.78
N VAL B 19 -5.67 3.60 -40.16
CA VAL B 19 -5.23 4.78 -40.89
C VAL B 19 -4.35 4.36 -42.07
N GLU B 20 -4.11 5.32 -42.96
CA GLU B 20 -3.22 5.12 -44.09
C GLU B 20 -1.86 5.71 -43.76
N GLU B 21 -0.80 5.13 -44.33
CA GLU B 21 0.52 5.74 -44.27
C GLU B 21 0.61 6.95 -45.18
N LEU B 22 1.67 7.72 -45.01
CA LEU B 22 1.95 8.89 -45.84
C LEU B 22 3.11 8.61 -46.79
N SER B 23 3.13 9.26 -47.95
CA SER B 23 4.26 9.06 -48.87
C SER B 23 5.40 10.00 -48.57
N SER B 24 5.14 11.08 -47.85
CA SER B 24 6.22 11.95 -47.35
C SER B 24 5.71 12.84 -46.19
N PRO B 25 6.61 13.50 -45.44
CA PRO B 25 6.20 14.25 -44.23
C PRO B 25 5.14 15.35 -44.43
N LEU B 26 4.24 15.51 -43.48
CA LEU B 26 3.33 16.66 -43.38
C LEU B 26 3.92 17.74 -42.51
N THR B 27 3.54 18.97 -42.75
CA THR B 27 3.85 20.05 -41.82
C THR B 27 2.80 19.99 -40.72
N ALA B 28 3.27 20.18 -39.47
CA ALA B 28 2.41 20.23 -38.29
C ALA B 28 2.28 21.70 -37.86
N HIS B 29 1.04 22.19 -37.73
N HIS B 29 1.07 22.11 -37.56
CA HIS B 29 0.80 23.60 -37.35
CA HIS B 29 0.80 23.50 -37.35
C HIS B 29 1.10 23.77 -35.86
C HIS B 29 1.05 23.82 -35.87
N VAL B 30 2.12 24.58 -35.58
CA VAL B 30 2.53 24.88 -34.21
C VAL B 30 1.74 25.99 -33.55
N THR B 31 1.28 25.79 -32.32
CA THR B 31 0.89 26.90 -31.40
C THR B 31 1.74 26.81 -30.14
N GLY B 32 1.98 27.97 -29.52
CA GLY B 32 3.02 28.10 -28.50
C GLY B 32 4.40 28.06 -29.15
N ARG B 33 5.43 27.74 -28.40
CA ARG B 33 6.79 27.79 -28.87
C ARG B 33 7.50 26.45 -28.65
N ILE B 34 7.89 25.87 -29.76
CA ILE B 34 8.69 24.66 -29.74
C ILE B 34 10.11 25.05 -29.36
N PRO B 35 10.66 24.48 -28.27
CA PRO B 35 11.99 24.92 -27.81
C PRO B 35 13.03 24.84 -28.90
N LEU B 36 13.87 25.86 -29.03
CA LEU B 36 14.85 25.91 -30.10
C LEU B 36 15.98 24.92 -29.94
N TRP B 37 16.19 24.42 -28.72
CA TRP B 37 17.20 23.38 -28.43
C TRP B 37 16.71 21.94 -28.73
N LEU B 38 15.43 21.78 -29.04
CA LEU B 38 14.83 20.49 -29.40
C LEU B 38 15.04 20.15 -30.90
N THR B 39 16.09 19.36 -31.16
CA THR B 39 16.50 19.02 -32.52
C THR B 39 16.66 17.51 -32.64
N GLY B 40 15.81 16.88 -33.46
CA GLY B 40 15.82 15.44 -33.62
C GLY B 40 14.44 14.92 -33.95
N SER B 41 14.23 13.62 -33.68
CA SER B 41 13.02 12.90 -34.11
C SER B 41 12.40 12.13 -32.95
N LEU B 42 11.10 12.31 -32.73
CA LEU B 42 10.38 11.43 -31.86
C LEU B 42 9.90 10.25 -32.69
N LEU B 43 10.39 9.05 -32.38
CA LEU B 43 10.03 7.81 -33.09
C LEU B 43 9.17 6.92 -32.18
N ARG B 44 8.01 6.48 -32.65
CA ARG B 44 7.07 5.68 -31.87
C ARG B 44 6.43 4.57 -32.74
N CYS B 45 6.06 3.47 -32.09
CA CYS B 45 5.38 2.35 -32.73
C CYS B 45 4.01 2.07 -32.13
N GLY B 46 3.18 1.51 -32.97
CA GLY B 46 1.84 1.17 -32.62
C GLY B 46 1.16 0.41 -33.75
N PRO B 47 -0.05 -0.12 -33.50
CA PRO B 47 -0.82 -0.72 -34.59
C PRO B 47 -1.44 0.35 -35.45
N GLY B 48 -1.46 0.11 -36.75
CA GLY B 48 -2.09 1.03 -37.69
C GLY B 48 -3.16 0.44 -38.61
N LEU B 49 -3.21 -0.89 -38.71
CA LEU B 49 -4.17 -1.57 -39.58
C LEU B 49 -4.84 -2.68 -38.76
N PHE B 50 -6.13 -2.48 -38.46
CA PHE B 50 -6.85 -3.32 -37.50
C PHE B 50 -7.75 -4.35 -38.12
N GLU B 51 -7.67 -4.45 -39.45
CA GLU B 51 -8.31 -5.53 -40.20
C GLU B 51 -7.65 -5.70 -41.58
N VAL B 52 -7.66 -6.93 -42.10
CA VAL B 52 -7.23 -7.18 -43.48
C VAL B 52 -8.44 -7.53 -44.33
N GLY B 53 -8.93 -6.53 -45.04
CA GLY B 53 -10.17 -6.63 -45.77
C GLY B 53 -11.33 -6.74 -44.80
N SER B 54 -11.98 -7.90 -44.83
CA SER B 54 -13.10 -8.21 -43.97
C SER B 54 -12.71 -9.09 -42.76
N GLU B 55 -11.46 -9.59 -42.74
CA GLU B 55 -10.93 -10.37 -41.62
C GLU B 55 -10.36 -9.43 -40.54
N PRO B 56 -10.97 -9.42 -39.33
CA PRO B 56 -10.61 -8.49 -38.27
C PRO B 56 -9.46 -9.00 -37.40
N PHE B 57 -8.60 -8.09 -36.95
CA PHE B 57 -7.73 -8.38 -35.80
C PHE B 57 -8.57 -8.23 -34.52
N TYR B 58 -8.37 -9.13 -33.55
CA TYR B 58 -9.18 -9.11 -32.30
C TYR B 58 -8.58 -8.36 -31.07
N HIS B 59 -7.24 -8.35 -30.95
CA HIS B 59 -6.58 -7.85 -29.74
C HIS B 59 -5.83 -6.56 -29.98
N LEU B 60 -5.65 -5.81 -28.89
CA LEU B 60 -4.85 -4.58 -28.91
C LEU B 60 -3.47 -4.76 -29.54
N PHE B 61 -2.86 -5.93 -29.42
CA PHE B 61 -1.51 -6.18 -29.84
C PHE B 61 -1.40 -6.91 -31.19
N ASP B 62 -2.50 -6.91 -31.96
CA ASP B 62 -2.59 -7.63 -33.23
C ASP B 62 -2.50 -6.77 -34.48
N GLY B 63 -2.98 -5.53 -34.41
CA GLY B 63 -2.88 -4.60 -35.54
C GLY B 63 -1.47 -4.40 -36.07
N GLN B 64 -1.35 -4.16 -37.38
CA GLN B 64 -0.04 -4.18 -38.03
C GLN B 64 0.82 -2.95 -37.70
N ALA B 65 2.08 -3.22 -37.36
CA ALA B 65 3.02 -2.20 -36.95
C ALA B 65 3.11 -1.01 -37.89
N LEU B 66 3.03 0.18 -37.27
CA LEU B 66 3.11 1.46 -37.91
C LEU B 66 4.20 2.26 -37.18
N LEU B 67 5.19 2.72 -37.94
CA LEU B 67 6.28 3.52 -37.40
C LEU B 67 5.99 4.99 -37.63
N HIS B 68 5.98 5.76 -36.54
CA HIS B 68 5.66 7.20 -36.54
C HIS B 68 6.88 8.04 -36.28
N LYS B 69 6.93 9.23 -36.86
CA LYS B 69 8.02 10.17 -36.63
C LYS B 69 7.58 11.64 -36.64
N PHE B 70 7.83 12.33 -35.51
CA PHE B 70 7.78 13.78 -35.46
C PHE B 70 9.20 14.35 -35.46
N ASP B 71 9.52 15.22 -36.43
CA ASP B 71 10.82 15.86 -36.53
C ASP B 71 10.74 17.27 -36.01
N PHE B 72 11.78 17.68 -35.28
CA PHE B 72 11.85 18.99 -34.67
C PHE B 72 13.14 19.63 -35.16
N LYS B 73 13.02 20.78 -35.82
CA LYS B 73 14.16 21.60 -36.18
C LYS B 73 13.74 23.05 -36.19
N GLU B 74 14.50 23.90 -35.49
CA GLU B 74 14.36 25.37 -35.52
C GLU B 74 12.93 25.87 -35.27
N GLY B 75 12.26 25.18 -34.33
CA GLY B 75 10.89 25.49 -33.94
C GLY B 75 9.80 25.07 -34.89
N HIS B 76 10.11 24.17 -35.83
CA HIS B 76 9.17 23.70 -36.87
C HIS B 76 9.06 22.20 -36.71
N VAL B 77 7.90 21.64 -37.04
CA VAL B 77 7.62 20.21 -36.83
C VAL B 77 7.02 19.57 -38.08
N THR B 78 7.51 18.37 -38.38
CA THR B 78 6.89 17.53 -39.38
C THR B 78 6.41 16.23 -38.74
N TYR B 79 5.48 15.58 -39.44
CA TYR B 79 4.97 14.29 -39.04
C TYR B 79 4.96 13.38 -40.26
N HIS B 80 5.39 12.14 -40.02
CA HIS B 80 5.48 11.14 -41.06
C HIS B 80 5.21 9.76 -40.46
N ARG B 81 4.63 8.87 -41.25
CA ARG B 81 4.41 7.50 -40.82
C ARG B 81 4.40 6.53 -41.99
N ARG B 82 4.87 5.32 -41.71
CA ARG B 82 4.99 4.22 -42.67
C ARG B 82 4.76 2.91 -41.98
N PHE B 83 4.02 2.03 -42.63
CA PHE B 83 3.89 0.69 -42.14
C PHE B 83 5.25 -0.01 -42.23
N ILE B 84 5.53 -0.86 -41.26
CA ILE B 84 6.77 -1.63 -41.25
C ILE B 84 6.54 -2.85 -42.14
N ARG B 85 7.43 -3.06 -43.12
CA ARG B 85 7.27 -4.15 -44.08
C ARG B 85 7.80 -5.45 -43.50
N THR B 86 7.04 -5.96 -42.54
CA THR B 86 7.33 -7.21 -41.87
C THR B 86 6.80 -8.33 -42.74
N ASP B 87 7.18 -9.57 -42.43
CA ASP B 87 6.53 -10.72 -43.05
C ASP B 87 5.02 -10.68 -42.85
N ALA B 88 4.58 -10.38 -41.63
CA ALA B 88 3.14 -10.31 -41.32
C ALA B 88 2.41 -9.38 -42.24
N TYR B 89 2.97 -8.18 -42.42
CA TYR B 89 2.34 -7.14 -43.22
C TYR B 89 2.41 -7.43 -44.75
N VAL B 90 3.61 -7.77 -45.21
CA VAL B 90 3.92 -8.02 -46.63
C VAL B 90 3.05 -9.18 -47.13
N ARG B 91 3.04 -10.27 -46.38
CA ARG B 91 2.29 -11.45 -46.77
C ARG B 91 0.78 -11.21 -46.68
N ALA B 92 0.37 -10.35 -45.75
CA ALA B 92 -1.04 -9.98 -45.68
C ALA B 92 -1.43 -9.16 -46.88
N MET B 93 -0.55 -8.27 -47.33
CA MET B 93 -0.82 -7.44 -48.51
C MET B 93 -0.81 -8.32 -49.78
N THR B 94 0.16 -9.20 -49.91
CA THR B 94 0.26 -10.15 -51.01
C THR B 94 -1.02 -10.99 -51.12
N GLU B 95 -1.34 -11.71 -50.04
CA GLU B 95 -2.44 -12.67 -50.06
C GLU B 95 -3.81 -12.09 -49.75
N LYS B 96 -3.88 -10.81 -49.42
CA LYS B 96 -5.16 -10.12 -49.14
C LYS B 96 -6.03 -10.75 -48.02
N ARG B 97 -5.35 -11.33 -47.03
CA ARG B 97 -5.97 -11.94 -45.87
C ARG B 97 -4.98 -11.90 -44.67
N ILE B 98 -5.39 -12.39 -43.49
CA ILE B 98 -4.46 -12.54 -42.37
C ILE B 98 -3.67 -13.84 -42.54
N VAL B 99 -2.35 -13.72 -42.68
CA VAL B 99 -1.54 -14.89 -42.94
C VAL B 99 -0.85 -15.41 -41.70
N ILE B 100 -0.23 -14.51 -40.91
CA ILE B 100 0.51 -14.89 -39.71
C ILE B 100 -0.43 -14.73 -38.50
N THR B 101 -0.42 -15.71 -37.61
CA THR B 101 -1.11 -15.62 -36.35
C THR B 101 -0.48 -14.52 -35.47
N GLU B 102 -1.30 -13.56 -35.02
CA GLU B 102 -0.91 -12.53 -34.08
C GLU B 102 -1.26 -12.92 -32.64
N PHE B 103 -0.77 -12.11 -31.71
CA PHE B 103 -1.00 -12.33 -30.29
C PHE B 103 -2.37 -12.88 -29.90
N GLY B 104 -3.43 -12.20 -30.31
CA GLY B 104 -4.78 -12.69 -30.08
C GLY B 104 -5.65 -12.86 -31.33
N THR B 105 -5.04 -13.17 -32.48
CA THR B 105 -5.82 -13.40 -33.71
C THR B 105 -5.18 -14.56 -34.43
N CYS B 106 -5.89 -15.68 -34.44
CA CYS B 106 -5.43 -16.88 -35.12
C CYS B 106 -5.68 -16.71 -36.62
N ALA B 107 -4.69 -17.01 -37.44
CA ALA B 107 -4.84 -16.95 -38.91
C ALA B 107 -5.26 -18.30 -39.40
N PHE B 108 -6.27 -18.38 -40.26
CA PHE B 108 -6.69 -19.69 -40.76
C PHE B 108 -5.97 -20.01 -42.10
N PRO B 109 -5.80 -21.32 -42.47
CA PRO B 109 -4.93 -21.72 -43.62
C PRO B 109 -5.64 -21.81 -44.98
N GLU B 127 5.06 -20.87 -37.19
CA GLU B 127 5.38 -19.59 -37.87
C GLU B 127 5.13 -18.22 -37.07
N VAL B 128 6.20 -17.72 -36.45
CA VAL B 128 6.09 -16.68 -35.40
C VAL B 128 5.95 -15.25 -35.98
N THR B 129 5.04 -14.45 -35.41
CA THR B 129 4.88 -13.07 -35.86
C THR B 129 6.15 -12.26 -35.61
N ASP B 130 6.37 -11.33 -36.54
CA ASP B 130 7.43 -10.35 -36.45
C ASP B 130 6.80 -8.97 -36.55
N ASN B 131 5.49 -8.86 -36.21
CA ASN B 131 4.74 -7.61 -36.23
C ASN B 131 5.28 -6.64 -35.14
N ALA B 132 6.23 -5.79 -35.53
CA ALA B 132 7.01 -4.99 -34.57
C ALA B 132 6.30 -3.69 -34.12
N LEU B 133 5.16 -3.86 -33.47
CA LEU B 133 4.26 -2.76 -33.18
C LEU B 133 4.49 -2.05 -31.84
N VAL B 134 5.47 -2.49 -31.05
CA VAL B 134 5.57 -2.12 -29.64
C VAL B 134 6.59 -1.01 -29.34
N ASN B 135 7.81 -1.18 -29.80
CA ASN B 135 8.84 -0.23 -29.48
C ASN B 135 9.95 -0.18 -30.56
N ILE B 136 10.90 0.75 -30.37
CA ILE B 136 12.04 0.94 -31.23
C ILE B 136 13.26 1.32 -30.37
N TYR B 137 14.42 0.71 -30.66
CA TYR B 137 15.62 0.98 -29.91
C TYR B 137 16.94 0.86 -30.71
N PRO B 138 18.01 1.53 -30.22
CA PRO B 138 19.29 1.46 -30.91
C PRO B 138 20.18 0.28 -30.48
N VAL B 139 20.82 -0.29 -31.48
CA VAL B 139 21.92 -1.22 -31.30
C VAL B 139 23.04 -0.74 -32.25
N GLY B 140 24.23 -0.46 -31.71
CA GLY B 140 25.30 0.16 -32.50
C GLY B 140 24.77 1.41 -33.19
N GLU B 141 24.99 1.51 -34.50
CA GLU B 141 24.45 2.62 -35.32
C GLU B 141 23.08 2.32 -35.94
N ASP B 142 22.46 1.20 -35.57
CA ASP B 142 21.17 0.79 -36.15
C ASP B 142 19.99 0.99 -35.18
N TYR B 143 18.79 1.03 -35.76
CA TYR B 143 17.56 1.10 -35.01
C TYR B 143 16.70 -0.10 -35.35
N TYR B 144 16.08 -0.70 -34.33
CA TYR B 144 15.23 -1.87 -34.50
C TYR B 144 13.86 -1.64 -33.88
N ALA B 145 12.82 -1.84 -34.67
CA ALA B 145 11.46 -1.96 -34.18
C ALA B 145 11.29 -3.37 -33.62
N CYS B 146 10.47 -3.52 -32.59
CA CYS B 146 10.28 -4.82 -31.99
C CYS B 146 8.88 -5.06 -31.56
N THR B 147 8.60 -6.34 -31.34
CA THR B 147 7.49 -6.80 -30.53
C THR B 147 8.16 -7.55 -29.38
N GLU B 148 7.69 -8.72 -28.98
CA GLU B 148 8.34 -9.50 -27.93
C GLU B 148 8.84 -10.87 -28.36
N THR B 149 8.82 -11.11 -29.66
CA THR B 149 9.20 -12.43 -30.23
C THR B 149 10.71 -12.45 -30.57
N ASN B 150 11.14 -13.53 -31.21
CA ASN B 150 12.53 -13.71 -31.68
C ASN B 150 12.95 -12.85 -32.89
N PHE B 151 11.97 -12.25 -33.56
CA PHE B 151 12.19 -11.37 -34.69
C PHE B 151 12.12 -9.88 -34.35
N ILE B 152 13.21 -9.18 -34.62
CA ILE B 152 13.22 -7.70 -34.55
C ILE B 152 13.47 -7.18 -35.96
N THR B 153 13.00 -5.96 -36.24
CA THR B 153 13.06 -5.44 -37.60
C THR B 153 13.90 -4.16 -37.66
N LYS B 154 15.05 -4.26 -38.33
CA LYS B 154 15.88 -3.10 -38.60
C LYS B 154 15.12 -2.09 -39.49
N VAL B 155 15.08 -0.82 -39.07
CA VAL B 155 14.40 0.24 -39.80
C VAL B 155 15.28 1.43 -39.95
N ASN B 156 15.01 2.23 -40.98
CA ASN B 156 15.73 3.46 -41.26
C ASN B 156 15.04 4.63 -40.51
N PRO B 157 15.76 5.27 -39.56
CA PRO B 157 15.09 6.27 -38.70
C PRO B 157 14.79 7.63 -39.36
N GLU B 158 15.34 7.87 -40.55
CA GLU B 158 15.08 9.12 -41.28
C GLU B 158 13.98 8.96 -42.32
N THR B 159 14.02 7.87 -43.09
CA THR B 159 13.00 7.60 -44.13
C THR B 159 11.83 6.74 -43.67
N LEU B 160 12.03 6.00 -42.56
CA LEU B 160 11.07 5.03 -42.04
C LEU B 160 10.93 3.81 -42.95
N GLU B 161 11.95 3.56 -43.78
CA GLU B 161 11.93 2.36 -44.62
C GLU B 161 12.34 1.16 -43.79
N THR B 162 11.82 -0.01 -44.18
CA THR B 162 12.12 -1.25 -43.52
C THR B 162 13.37 -1.82 -44.17
N ILE B 163 14.35 -2.23 -43.40
CA ILE B 163 15.64 -2.66 -43.95
C ILE B 163 15.76 -4.19 -43.96
N LYS B 164 15.58 -4.80 -42.80
CA LYS B 164 15.91 -6.20 -42.62
C LYS B 164 15.14 -6.80 -41.46
N GLN B 165 14.84 -8.10 -41.57
CA GLN B 165 14.35 -8.88 -40.45
C GLN B 165 15.55 -9.54 -39.82
N VAL B 166 15.63 -9.54 -38.48
CA VAL B 166 16.70 -10.21 -37.73
C VAL B 166 16.05 -11.20 -36.82
N ASP B 167 16.57 -12.42 -36.86
CA ASP B 167 16.09 -13.52 -36.03
C ASP B 167 17.11 -13.63 -34.94
N LEU B 168 16.74 -13.26 -33.71
CA LEU B 168 17.65 -13.38 -32.58
C LEU B 168 18.13 -14.79 -32.33
N CYS B 169 17.36 -15.80 -32.72
CA CYS B 169 17.76 -17.23 -32.55
C CYS B 169 19.02 -17.66 -33.33
N ASN B 170 19.32 -16.95 -34.40
CA ASN B 170 20.57 -17.11 -35.11
C ASN B 170 21.77 -16.71 -34.31
N TYR B 171 21.58 -15.96 -33.22
CA TYR B 171 22.69 -15.46 -32.41
C TYR B 171 22.77 -15.94 -30.97
N VAL B 172 21.64 -16.12 -30.30
CA VAL B 172 21.65 -16.48 -28.87
C VAL B 172 20.48 -17.39 -28.60
N SER B 173 20.61 -18.10 -27.50
CA SER B 173 19.61 -19.07 -27.13
C SER B 173 18.48 -18.40 -26.32
N VAL B 174 17.53 -17.81 -27.04
CA VAL B 174 16.26 -17.32 -26.46
C VAL B 174 15.13 -17.57 -27.42
N ASN B 175 13.92 -17.76 -26.89
CA ASN B 175 12.72 -17.91 -27.72
C ASN B 175 12.03 -16.61 -28.00
N GLY B 176 12.42 -15.56 -27.26
CA GLY B 176 11.91 -14.22 -27.46
C GLY B 176 12.73 -13.26 -26.67
N ALA B 177 12.41 -11.99 -26.79
CA ALA B 177 13.06 -10.97 -25.97
C ALA B 177 12.09 -9.79 -25.82
N THR B 178 12.20 -9.07 -24.71
CA THR B 178 11.20 -8.05 -24.39
C THR B 178 11.35 -6.84 -25.29
N ALA B 179 10.32 -6.00 -25.28
CA ALA B 179 10.41 -4.72 -25.98
C ALA B 179 11.07 -3.64 -25.12
N HIS B 180 11.65 -3.99 -23.97
CA HIS B 180 12.23 -3.02 -23.08
C HIS B 180 13.64 -3.36 -22.68
N PRO B 181 14.57 -3.37 -23.67
CA PRO B 181 16.00 -3.55 -23.30
C PRO B 181 16.49 -2.33 -22.56
N HIS B 182 17.41 -2.51 -21.63
CA HIS B 182 18.14 -1.39 -21.04
C HIS B 182 19.37 -1.06 -21.89
N ILE B 183 19.66 0.22 -22.01
CA ILE B 183 20.72 0.69 -22.84
C ILE B 183 21.65 1.53 -21.97
N GLU B 184 22.83 1.02 -21.66
CA GLU B 184 23.85 1.82 -20.95
C GLU B 184 24.36 3.01 -21.81
N ASN B 185 25.06 3.95 -21.17
CA ASN B 185 25.53 5.18 -21.86
C ASN B 185 26.55 4.94 -22.99
N ASP B 186 27.37 3.88 -22.90
CA ASP B 186 28.29 3.52 -23.98
C ASP B 186 27.65 2.77 -25.18
N GLY B 187 26.35 2.44 -25.10
CA GLY B 187 25.63 1.73 -26.16
C GLY B 187 25.37 0.24 -25.87
N THR B 188 25.98 -0.30 -24.81
CA THR B 188 25.73 -1.67 -24.41
C THR B 188 24.24 -1.86 -24.21
N VAL B 189 23.71 -2.97 -24.72
CA VAL B 189 22.28 -3.28 -24.63
C VAL B 189 22.08 -4.54 -23.82
N TYR B 190 21.18 -4.50 -22.85
CA TYR B 190 20.80 -5.68 -22.10
C TYR B 190 19.34 -5.97 -22.32
N ASN B 191 18.99 -7.25 -22.43
CA ASN B 191 17.61 -7.64 -22.52
C ASN B 191 17.40 -9.00 -21.86
N ILE B 192 16.15 -9.37 -21.67
CA ILE B 192 15.81 -10.65 -21.07
C ILE B 192 14.82 -11.37 -21.99
N GLY B 193 14.90 -12.71 -21.99
CA GLY B 193 14.02 -13.53 -22.80
C GLY B 193 13.80 -14.91 -22.22
N ASN B 194 12.64 -15.49 -22.51
CA ASN B 194 12.35 -16.88 -22.15
C ASN B 194 13.27 -17.83 -22.95
N CYS B 195 13.64 -18.93 -22.31
CA CYS B 195 14.35 -20.00 -22.98
C CYS B 195 13.68 -21.35 -22.67
N PHE B 196 13.19 -22.03 -23.71
CA PHE B 196 12.50 -23.36 -23.64
C PHE B 196 13.40 -24.54 -24.06
N ILE B 202 14.62 -24.96 -18.89
CA ILE B 202 13.80 -23.74 -18.85
C ILE B 202 14.44 -22.65 -17.96
N ALA B 203 14.65 -21.48 -18.55
CA ALA B 203 15.26 -20.38 -17.85
C ALA B 203 14.80 -19.03 -18.41
N TYR B 204 15.22 -17.95 -17.76
CA TYR B 204 15.11 -16.61 -18.34
C TYR B 204 16.54 -16.11 -18.52
N ASN B 205 16.92 -15.86 -19.77
CA ASN B 205 18.28 -15.49 -20.10
C ASN B 205 18.43 -13.99 -20.27
N ILE B 206 19.51 -13.45 -19.71
CA ILE B 206 19.92 -12.09 -19.95
C ILE B 206 20.89 -12.08 -21.13
N VAL B 207 20.51 -11.35 -22.18
CA VAL B 207 21.32 -11.13 -23.35
C VAL B 207 22.06 -9.80 -23.22
N LYS B 208 23.34 -9.79 -23.57
CA LYS B 208 24.15 -8.58 -23.66
C LYS B 208 24.64 -8.41 -25.09
N ILE B 209 24.39 -7.25 -25.66
CA ILE B 209 24.89 -6.87 -26.94
C ILE B 209 25.88 -5.75 -26.69
N PRO B 210 27.14 -5.89 -27.15
CA PRO B 210 28.14 -4.88 -26.86
C PRO B 210 28.00 -3.65 -27.74
N PRO B 211 28.63 -2.52 -27.35
CA PRO B 211 28.60 -1.31 -28.21
C PRO B 211 29.31 -1.53 -29.55
N LEU B 212 29.05 -0.71 -30.55
CA LEU B 212 29.77 -0.84 -31.82
C LEU B 212 31.26 -0.65 -31.58
N GLN B 213 32.08 -1.59 -32.07
CA GLN B 213 33.53 -1.56 -31.85
C GLN B 213 34.26 -0.99 -33.08
N ALA B 214 35.59 -0.86 -32.98
CA ALA B 214 36.40 -0.28 -34.07
C ALA B 214 36.22 -1.07 -35.39
N ASP B 215 36.18 -2.41 -35.33
CA ASP B 215 35.95 -3.26 -36.52
C ASP B 215 34.66 -2.99 -37.30
N LYS B 216 33.70 -2.32 -36.68
CA LYS B 216 32.48 -1.86 -37.36
C LYS B 216 31.50 -2.98 -37.79
N GLU B 217 31.72 -4.22 -37.34
CA GLU B 217 30.80 -5.30 -37.64
C GLU B 217 29.59 -5.27 -36.69
N ASP B 218 28.49 -5.86 -37.14
CA ASP B 218 27.20 -5.74 -36.49
C ASP B 218 27.27 -6.31 -35.04
N PRO B 219 26.99 -5.46 -34.03
CA PRO B 219 27.09 -5.92 -32.63
C PRO B 219 26.21 -7.08 -32.25
N ILE B 220 25.11 -7.34 -32.99
CA ILE B 220 24.29 -8.52 -32.75
C ILE B 220 25.08 -9.81 -32.92
N SER B 221 26.03 -9.84 -33.83
CA SER B 221 26.85 -11.04 -33.98
C SER B 221 27.83 -11.26 -32.84
N LYS B 222 27.96 -10.31 -31.92
CA LYS B 222 28.70 -10.52 -30.66
C LYS B 222 27.82 -10.65 -29.41
N SER B 223 26.52 -10.92 -29.60
CA SER B 223 25.58 -11.18 -28.51
C SER B 223 25.99 -12.35 -27.67
N GLU B 224 25.75 -12.30 -26.38
CA GLU B 224 25.88 -13.48 -25.55
C GLU B 224 24.88 -13.49 -24.40
N ILE B 225 24.56 -14.68 -23.92
CA ILE B 225 23.89 -14.86 -22.65
C ILE B 225 24.94 -14.65 -21.58
N VAL B 226 24.75 -13.65 -20.72
CA VAL B 226 25.68 -13.46 -19.56
C VAL B 226 25.22 -14.04 -18.23
N VAL B 227 23.92 -14.12 -18.00
CA VAL B 227 23.41 -14.71 -16.78
C VAL B 227 22.01 -15.26 -17.01
N GLN B 228 21.64 -16.16 -16.11
CA GLN B 228 20.48 -16.97 -16.28
C GLN B 228 19.70 -16.93 -14.97
N PHE B 229 18.39 -16.76 -15.07
CA PHE B 229 17.52 -16.77 -13.89
C PHE B 229 16.76 -18.07 -13.93
N PRO B 230 16.55 -18.71 -12.78
CA PRO B 230 15.82 -19.97 -12.76
C PRO B 230 14.31 -19.76 -12.87
N CYS B 231 13.59 -20.82 -13.19
CA CYS B 231 12.15 -20.78 -13.34
C CYS B 231 11.43 -21.48 -12.19
N SER B 232 10.30 -20.92 -11.73
CA SER B 232 9.56 -21.46 -10.58
C SER B 232 8.88 -22.80 -10.86
N ASP B 233 8.62 -23.10 -12.12
CA ASP B 233 7.83 -24.26 -12.51
C ASP B 233 8.48 -24.77 -13.78
N ARG B 234 8.99 -26.01 -13.78
CA ARG B 234 9.68 -26.55 -14.97
C ARG B 234 8.89 -26.39 -16.27
N PHE B 235 7.60 -26.67 -16.23
CA PHE B 235 6.77 -26.66 -17.43
C PHE B 235 6.03 -25.34 -17.70
N LYS B 236 6.10 -24.37 -16.79
CA LYS B 236 5.40 -23.10 -16.98
C LYS B 236 6.26 -21.88 -16.66
N PRO B 237 6.89 -21.30 -17.68
CA PRO B 237 7.60 -20.04 -17.45
C PRO B 237 6.66 -18.84 -17.33
N SER B 238 7.09 -17.83 -16.57
CA SER B 238 6.31 -16.64 -16.45
C SER B 238 6.46 -15.81 -17.69
N TYR B 239 5.37 -15.13 -18.04
CA TYR B 239 5.43 -14.01 -18.96
C TYR B 239 6.35 -12.92 -18.38
N VAL B 240 7.15 -12.30 -19.24
CA VAL B 240 8.07 -11.24 -18.82
C VAL B 240 8.08 -10.12 -19.83
N HIS B 241 7.85 -8.90 -19.33
CA HIS B 241 7.69 -7.71 -20.16
C HIS B 241 8.85 -6.72 -20.06
N SER B 242 9.53 -6.67 -18.92
CA SER B 242 10.63 -5.76 -18.66
C SER B 242 11.41 -6.24 -17.44
N PHE B 243 12.49 -5.53 -17.13
CA PHE B 243 13.37 -5.93 -16.03
C PHE B 243 14.13 -4.72 -15.53
N GLY B 244 14.79 -4.87 -14.40
CA GLY B 244 15.55 -3.75 -13.78
C GLY B 244 17.05 -3.88 -13.91
N LEU B 245 17.74 -2.76 -14.00
CA LEU B 245 19.18 -2.74 -14.12
C LEU B 245 19.82 -1.59 -13.34
N THR B 246 20.89 -1.89 -12.62
CA THR B 246 21.66 -0.87 -11.88
C THR B 246 23.10 -1.09 -12.33
N PRO B 247 24.02 -0.21 -11.88
CA PRO B 247 25.41 -0.46 -12.26
C PRO B 247 25.90 -1.87 -11.93
N ASN B 248 25.43 -2.41 -10.77
CA ASN B 248 25.92 -3.69 -10.26
C ASN B 248 24.96 -4.84 -10.24
N TYR B 249 23.69 -4.57 -10.54
CA TYR B 249 22.69 -5.62 -10.39
C TYR B 249 21.69 -5.64 -11.49
N ILE B 250 21.10 -6.82 -11.67
CA ILE B 250 20.00 -7.07 -12.57
C ILE B 250 18.82 -7.61 -11.77
N VAL B 251 17.63 -7.03 -11.97
CA VAL B 251 16.45 -7.44 -11.20
C VAL B 251 15.39 -7.98 -12.15
N PHE B 252 14.90 -9.16 -11.81
CA PHE B 252 13.88 -9.85 -12.60
C PHE B 252 12.70 -10.23 -11.71
N VAL B 253 11.48 -9.86 -12.12
CA VAL B 253 10.29 -10.11 -11.31
C VAL B 253 9.49 -11.22 -11.98
N GLU B 254 9.36 -12.36 -11.29
CA GLU B 254 8.67 -13.54 -11.81
C GLU B 254 7.25 -13.52 -11.28
N THR B 255 6.30 -13.28 -12.16
CA THR B 255 4.90 -13.05 -11.78
C THR B 255 4.10 -14.34 -11.94
N PRO B 256 2.88 -14.36 -11.42
CA PRO B 256 2.10 -15.56 -11.55
C PRO B 256 1.33 -15.70 -12.87
N VAL B 257 1.58 -14.84 -13.86
CA VAL B 257 1.08 -15.03 -15.21
C VAL B 257 2.05 -15.97 -15.94
N LYS B 258 1.56 -17.16 -16.26
CA LYS B 258 2.37 -18.25 -16.81
C LYS B 258 1.99 -18.60 -18.26
N ILE B 259 2.99 -19.07 -18.99
CA ILE B 259 2.82 -19.55 -20.36
C ILE B 259 2.71 -21.06 -20.27
N ASN B 260 1.60 -21.60 -20.74
CA ASN B 260 1.37 -23.04 -20.64
C ASN B 260 2.02 -23.65 -21.86
N LEU B 261 3.12 -24.36 -21.62
CA LEU B 261 3.94 -24.86 -22.71
C LEU B 261 3.31 -26.09 -23.39
N PHE B 262 2.50 -26.86 -22.65
CA PHE B 262 1.70 -27.95 -23.24
C PHE B 262 0.76 -27.40 -24.32
N LYS B 263 0.04 -26.32 -24.03
CA LYS B 263 -0.75 -25.62 -25.08
C LYS B 263 0.15 -24.89 -26.12
N PHE B 264 1.27 -24.28 -25.67
CA PHE B 264 2.15 -23.44 -26.54
C PHE B 264 2.79 -24.25 -27.67
N LEU B 265 3.34 -25.42 -27.33
CA LEU B 265 4.13 -26.27 -28.26
C LEU B 265 3.34 -27.36 -29.04
N SER B 266 2.02 -27.45 -28.85
CA SER B 266 1.18 -28.32 -29.69
C SER B 266 0.99 -27.73 -31.12
N SER B 267 0.32 -28.47 -32.01
CA SER B 267 -0.07 -27.98 -33.35
C SER B 267 -1.16 -26.89 -33.27
N TRP B 268 -0.77 -25.66 -33.57
CA TRP B 268 -1.62 -24.47 -33.40
C TRP B 268 -2.77 -24.36 -34.41
N SER B 269 -2.51 -24.69 -35.68
CA SER B 269 -3.56 -24.69 -36.71
C SER B 269 -4.42 -25.99 -36.74
N LEU B 270 -4.13 -26.98 -35.88
CA LEU B 270 -5.06 -28.09 -35.57
C LEU B 270 -6.24 -27.56 -34.74
N TRP B 271 -6.00 -27.31 -33.45
CA TRP B 271 -7.07 -26.87 -32.55
C TRP B 271 -7.41 -25.36 -32.69
N GLY B 272 -6.59 -24.59 -33.43
CA GLY B 272 -6.89 -23.18 -33.80
C GLY B 272 -6.47 -22.08 -32.80
N ALA B 273 -5.24 -22.18 -32.28
CA ALA B 273 -4.80 -21.35 -31.18
C ALA B 273 -3.99 -20.09 -31.55
N ASN B 274 -3.97 -19.16 -30.61
CA ASN B 274 -3.12 -17.99 -30.67
C ASN B 274 -2.30 -17.88 -29.37
N TYR B 275 -1.55 -16.78 -29.21
CA TYR B 275 -0.65 -16.62 -28.04
C TYR B 275 -1.48 -16.44 -26.77
N MET B 276 -2.47 -15.57 -26.83
CA MET B 276 -3.36 -15.32 -25.71
C MET B 276 -3.96 -16.60 -25.13
N ASP B 277 -4.29 -17.59 -25.98
CA ASP B 277 -4.83 -18.87 -25.51
C ASP B 277 -3.86 -19.68 -24.66
N CYS B 278 -2.58 -19.33 -24.61
CA CYS B 278 -1.61 -20.16 -23.90
C CYS B 278 -1.28 -19.62 -22.50
N PHE B 279 -1.89 -18.52 -22.09
CA PHE B 279 -1.60 -17.95 -20.76
C PHE B 279 -2.53 -18.52 -19.74
N GLU B 280 -2.03 -18.70 -18.53
CA GLU B 280 -2.88 -19.02 -17.38
C GLU B 280 -2.26 -18.35 -16.12
N SER B 281 -3.02 -18.34 -15.05
CA SER B 281 -2.55 -17.72 -13.81
C SER B 281 -2.33 -18.77 -12.75
N ASN B 282 -1.17 -18.76 -12.13
CA ASN B 282 -0.88 -19.60 -10.97
C ASN B 282 -1.41 -18.89 -9.75
N GLU B 283 -2.33 -19.53 -9.05
CA GLU B 283 -3.03 -18.88 -7.93
C GLU B 283 -2.24 -18.79 -6.63
N THR B 284 -1.26 -19.68 -6.45
CA THR B 284 -0.62 -19.87 -5.14
C THR B 284 0.80 -19.33 -5.03
N MET B 285 1.55 -19.18 -6.14
CA MET B 285 2.97 -18.76 -6.02
C MET B 285 3.23 -17.29 -5.57
N GLY B 286 2.24 -16.41 -5.77
CA GLY B 286 2.45 -14.99 -5.60
C GLY B 286 3.47 -14.48 -6.64
N VAL B 287 4.34 -13.59 -6.18
CA VAL B 287 5.44 -13.05 -6.98
C VAL B 287 6.78 -13.42 -6.33
N TRP B 288 7.71 -13.90 -7.16
CA TRP B 288 9.09 -14.20 -6.78
C TRP B 288 10.00 -13.14 -7.42
N LEU B 289 10.81 -12.47 -6.62
CA LEU B 289 11.75 -11.50 -7.14
C LEU B 289 13.17 -12.05 -7.10
N HIS B 290 13.96 -11.71 -8.11
CA HIS B 290 15.26 -12.30 -8.40
C HIS B 290 16.28 -11.21 -8.69
N ILE B 291 17.48 -11.41 -8.18
CA ILE B 291 18.60 -10.53 -8.38
C ILE B 291 19.78 -11.32 -8.96
N ALA B 292 20.55 -10.70 -9.86
CA ALA B 292 21.85 -11.24 -10.29
C ALA B 292 22.90 -10.18 -10.16
N ASP B 293 24.12 -10.62 -9.94
CA ASP B 293 25.30 -9.77 -9.92
C ASP B 293 25.65 -9.49 -11.38
N LYS B 294 25.62 -8.24 -11.80
CA LYS B 294 25.78 -7.90 -13.21
C LYS B 294 27.24 -8.12 -13.65
N LYS B 295 28.17 -7.65 -12.82
CA LYS B 295 29.59 -7.64 -13.21
C LYS B 295 30.24 -9.01 -13.03
N ARG B 296 29.84 -9.74 -12.01
CA ARG B 296 30.34 -11.09 -11.82
C ARG B 296 29.51 -12.09 -12.55
N LYS B 297 28.45 -11.67 -13.26
CA LYS B 297 27.60 -12.54 -14.11
C LYS B 297 27.02 -13.75 -13.36
N LYS B 298 26.40 -13.50 -12.21
CA LYS B 298 26.05 -14.58 -11.30
C LYS B 298 24.68 -14.41 -10.65
N TYR B 299 23.83 -15.42 -10.75
CA TYR B 299 22.54 -15.42 -10.02
C TYR B 299 22.78 -15.42 -8.53
N ILE B 300 22.05 -14.62 -7.79
CA ILE B 300 22.15 -14.58 -6.34
C ILE B 300 20.93 -15.31 -5.78
N ASN B 301 21.18 -16.18 -4.81
CA ASN B 301 20.13 -17.06 -4.34
C ASN B 301 19.37 -16.52 -3.14
N ASN B 302 18.64 -15.44 -3.35
CA ASN B 302 17.82 -14.84 -2.31
C ASN B 302 16.40 -15.07 -2.76
N LYS B 303 15.62 -15.74 -1.91
CA LYS B 303 14.24 -16.07 -2.19
C LYS B 303 13.29 -14.94 -1.78
N TYR B 304 13.28 -13.85 -2.53
CA TYR B 304 12.36 -12.73 -2.29
C TYR B 304 10.97 -13.17 -2.74
N ARG B 305 9.98 -12.93 -1.90
CA ARG B 305 8.59 -13.35 -2.14
C ARG B 305 7.60 -12.25 -1.78
N THR B 306 6.55 -12.08 -2.56
CA THR B 306 5.45 -11.22 -2.10
C THR B 306 4.13 -11.70 -2.69
N SER B 307 3.08 -10.90 -2.51
CA SER B 307 1.75 -11.29 -2.94
C SER B 307 1.53 -11.06 -4.47
N PRO B 308 0.44 -11.58 -5.03
CA PRO B 308 0.31 -11.58 -6.51
C PRO B 308 0.05 -10.23 -7.15
N PHE B 309 0.77 -9.97 -8.23
CA PHE B 309 0.46 -8.85 -9.12
C PHE B 309 0.93 -9.16 -10.51
N ASN B 310 0.30 -8.51 -11.48
CA ASN B 310 0.86 -8.42 -12.86
C ASN B 310 1.89 -7.28 -12.84
N LEU B 311 2.91 -7.39 -13.68
CA LEU B 311 3.86 -6.32 -13.87
C LEU B 311 4.18 -6.23 -15.33
N PHE B 312 4.06 -5.03 -15.88
CA PHE B 312 4.54 -4.74 -17.23
C PHE B 312 5.81 -3.88 -17.20
N HIS B 313 5.73 -2.74 -16.55
CA HIS B 313 6.82 -1.78 -16.60
C HIS B 313 7.49 -1.48 -15.26
N HIS B 314 8.77 -1.82 -15.19
CA HIS B 314 9.62 -1.24 -14.18
C HIS B 314 9.72 0.26 -14.48
N ILE B 315 9.78 1.08 -13.43
CA ILE B 315 9.96 2.53 -13.57
C ILE B 315 11.47 2.83 -13.55
N ASN B 316 12.11 2.41 -12.47
CA ASN B 316 13.54 2.56 -12.28
C ASN B 316 14.01 1.70 -11.12
N THR B 317 15.30 1.41 -11.09
CA THR B 317 15.89 0.60 -10.07
C THR B 317 17.18 1.24 -9.64
N TYR B 318 17.52 1.20 -8.36
CA TYR B 318 18.79 1.76 -7.92
C TYR B 318 19.29 1.18 -6.60
N GLU B 319 20.56 1.43 -6.32
CA GLU B 319 21.26 0.87 -5.17
C GLU B 319 21.34 1.95 -4.11
N ASP B 320 20.99 1.61 -2.88
CA ASP B 320 21.06 2.58 -1.78
C ASP B 320 21.55 1.81 -0.58
N HIS B 321 22.80 2.04 -0.20
CA HIS B 321 23.50 1.23 0.82
C HIS B 321 23.39 -0.25 0.49
N GLU B 322 23.06 -1.13 1.41
CA GLU B 322 23.12 -2.53 0.99
C GLU B 322 21.72 -2.99 0.49
N PHE B 323 21.03 -2.14 -0.29
CA PHE B 323 19.60 -2.37 -0.63
C PHE B 323 19.32 -2.01 -2.08
N LEU B 324 18.46 -2.77 -2.72
CA LEU B 324 17.95 -2.38 -4.03
C LEU B 324 16.56 -1.78 -3.93
N ILE B 325 16.40 -0.56 -4.46
CA ILE B 325 15.12 0.10 -4.54
C ILE B 325 14.52 -0.26 -5.87
N VAL B 326 13.34 -0.87 -5.89
CA VAL B 326 12.71 -1.41 -7.08
C VAL B 326 11.32 -0.77 -7.26
N ASP B 327 11.21 0.22 -8.14
CA ASP B 327 9.95 0.95 -8.36
C ASP B 327 9.22 0.36 -9.57
N LEU B 328 7.94 -0.03 -9.38
CA LEU B 328 7.16 -0.84 -10.30
C LEU B 328 5.76 -0.27 -10.51
N CYS B 329 5.26 -0.38 -11.74
CA CYS B 329 3.84 -0.18 -12.06
C CYS B 329 3.12 -1.56 -11.96
N CYS B 330 2.38 -1.78 -10.88
CA CYS B 330 1.76 -3.06 -10.59
C CYS B 330 0.28 -3.08 -10.91
N TRP B 331 -0.23 -4.28 -11.05
CA TRP B 331 -1.68 -4.51 -11.15
C TRP B 331 -2.03 -5.58 -10.11
N LYS B 332 -2.82 -5.20 -9.12
CA LYS B 332 -3.09 -6.03 -7.95
C LYS B 332 -4.05 -7.17 -8.29
N GLY B 333 -3.52 -8.40 -8.33
CA GLY B 333 -4.25 -9.59 -8.74
C GLY B 333 -3.40 -10.53 -9.59
N PHE B 334 -3.90 -11.75 -9.79
CA PHE B 334 -3.21 -12.70 -10.64
C PHE B 334 -3.81 -12.90 -12.04
N GLU B 335 -5.05 -12.43 -12.25
CA GLU B 335 -5.64 -12.47 -13.60
C GLU B 335 -4.79 -11.66 -14.59
N PHE B 336 -4.62 -12.19 -15.78
CA PHE B 336 -3.83 -11.52 -16.80
C PHE B 336 -4.55 -10.26 -17.27
N VAL B 337 -3.91 -9.11 -17.06
CA VAL B 337 -4.51 -7.85 -17.44
C VAL B 337 -4.80 -7.79 -18.96
N TYR B 338 -4.01 -8.50 -19.75
CA TYR B 338 -4.21 -8.52 -21.19
C TYR B 338 -5.59 -9.04 -21.58
N ASN B 339 -6.25 -9.83 -20.73
CA ASN B 339 -7.64 -10.26 -20.98
C ASN B 339 -8.64 -9.13 -21.19
N TYR B 340 -8.36 -7.95 -20.64
CA TYR B 340 -9.26 -6.80 -20.72
C TYR B 340 -8.96 -5.94 -21.92
N LEU B 341 -8.02 -6.36 -22.77
CA LEU B 341 -7.54 -5.53 -23.89
C LEU B 341 -7.86 -6.07 -25.31
N TYR B 342 -8.91 -6.88 -25.44
CA TYR B 342 -9.49 -7.15 -26.75
C TYR B 342 -10.10 -5.87 -27.28
N LEU B 343 -9.96 -5.66 -28.60
CA LEU B 343 -10.48 -4.44 -29.23
C LEU B 343 -11.97 -4.24 -29.05
N ALA B 344 -12.74 -5.32 -29.14
CA ALA B 344 -14.20 -5.29 -28.92
C ALA B 344 -14.54 -4.62 -27.59
N ASN B 345 -13.80 -4.92 -26.53
CA ASN B 345 -14.02 -4.28 -25.23
C ASN B 345 -13.58 -2.81 -25.23
N LEU B 346 -12.39 -2.53 -25.74
CA LEU B 346 -11.89 -1.18 -25.79
C LEU B 346 -12.70 -0.26 -26.73
N ARG B 347 -13.47 -0.83 -27.66
CA ARG B 347 -14.36 -0.05 -28.54
C ARG B 347 -15.81 0.11 -28.06
N GLU B 348 -16.14 -0.49 -26.91
CA GLU B 348 -17.45 -0.31 -26.26
C GLU B 348 -17.66 1.13 -25.87
N ASN B 349 -18.90 1.46 -25.55
CA ASN B 349 -19.22 2.77 -24.99
C ASN B 349 -18.76 2.89 -23.54
N TRP B 350 -18.67 4.14 -23.08
CA TRP B 350 -17.97 4.47 -21.86
C TRP B 350 -18.46 3.73 -20.61
N GLU B 351 -19.79 3.69 -20.43
CA GLU B 351 -20.40 2.98 -19.27
C GLU B 351 -20.06 1.52 -19.28
N GLU B 352 -20.01 0.92 -20.46
CA GLU B 352 -19.64 -0.49 -20.61
C GLU B 352 -18.13 -0.72 -20.43
N VAL B 353 -17.31 0.22 -20.89
CA VAL B 353 -15.85 0.17 -20.63
C VAL B 353 -15.60 0.18 -19.12
N LYS B 354 -16.24 1.08 -18.39
CA LYS B 354 -16.09 1.12 -16.95
C LYS B 354 -16.57 -0.15 -16.26
N LYS B 355 -17.72 -0.65 -16.68
CA LYS B 355 -18.29 -1.88 -16.10
C LYS B 355 -17.32 -3.07 -16.30
N ASN B 356 -16.79 -3.20 -17.51
CA ASN B 356 -15.86 -4.26 -17.82
C ASN B 356 -14.59 -4.22 -16.98
N ALA B 357 -14.13 -3.04 -16.60
CA ALA B 357 -12.90 -2.94 -15.83
C ALA B 357 -13.06 -3.10 -14.31
N ARG B 358 -14.30 -3.20 -13.83
N ARG B 358 -14.28 -3.19 -13.81
CA ARG B 358 -14.60 -3.30 -12.38
CA ARG B 358 -14.46 -3.20 -12.35
C ARG B 358 -13.87 -4.46 -11.72
C ARG B 358 -13.97 -4.49 -11.66
N LYS B 359 -13.88 -5.63 -12.36
CA LYS B 359 -13.30 -6.84 -11.78
C LYS B 359 -11.83 -7.06 -12.15
N ALA B 360 -11.23 -6.15 -12.91
CA ALA B 360 -9.83 -6.31 -13.32
C ALA B 360 -8.92 -6.00 -12.14
N PRO B 361 -7.67 -6.46 -12.21
CA PRO B 361 -6.69 -6.05 -11.21
C PRO B 361 -6.60 -4.54 -11.13
N GLN B 362 -6.34 -4.03 -9.91
CA GLN B 362 -6.20 -2.60 -9.69
C GLN B 362 -4.74 -2.13 -9.88
N PRO B 363 -4.53 -1.04 -10.64
CA PRO B 363 -3.19 -0.55 -10.82
C PRO B 363 -2.69 0.18 -9.57
N GLU B 364 -1.39 0.06 -9.32
CA GLU B 364 -0.77 0.72 -8.17
C GLU B 364 0.74 0.80 -8.37
N VAL B 365 1.30 2.00 -8.21
CA VAL B 365 2.73 2.16 -8.21
C VAL B 365 3.25 1.80 -6.80
N ARG B 366 4.22 0.88 -6.79
CA ARG B 366 4.79 0.34 -5.58
C ARG B 366 6.33 0.39 -5.61
N ARG B 367 6.88 0.74 -4.47
CA ARG B 367 8.31 0.64 -4.22
C ARG B 367 8.59 -0.61 -3.37
N TYR B 368 9.38 -1.53 -3.92
CA TYR B 368 9.88 -2.67 -3.17
C TYR B 368 11.34 -2.42 -2.80
N VAL B 369 11.77 -2.94 -1.65
CA VAL B 369 13.14 -2.74 -1.20
C VAL B 369 13.74 -4.08 -0.87
N LEU B 370 14.85 -4.42 -1.54
CA LEU B 370 15.45 -5.77 -1.53
C LEU B 370 16.76 -5.72 -0.75
N PRO B 371 16.82 -6.35 0.45
CA PRO B 371 18.11 -6.32 1.16
C PRO B 371 19.14 -7.23 0.50
N LEU B 372 20.37 -6.75 0.38
CA LEU B 372 21.48 -7.57 -0.12
C LEU B 372 22.25 -8.30 0.99
N ASN B 373 22.27 -7.77 2.21
CA ASN B 373 22.86 -8.47 3.39
C ASN B 373 21.84 -9.22 4.22
N ILE B 374 21.69 -10.51 3.99
CA ILE B 374 20.74 -11.31 4.77
C ILE B 374 21.53 -11.94 5.92
N ASP B 375 21.38 -11.41 7.14
CA ASP B 375 21.92 -12.05 8.36
C ASP B 375 20.88 -13.00 9.01
N LYS B 376 21.19 -14.30 9.07
CA LYS B 376 20.40 -15.29 9.83
C LYS B 376 20.02 -14.87 11.25
N ALA B 377 20.90 -14.15 11.92
CA ALA B 377 20.58 -13.65 13.25
C ALA B 377 19.34 -12.74 13.28
N ASP B 378 19.00 -12.11 12.13
CA ASP B 378 17.75 -11.30 12.01
C ASP B 378 16.52 -12.05 11.55
N THR B 379 16.56 -13.39 11.58
CA THR B 379 15.37 -14.18 11.28
C THR B 379 14.16 -13.69 12.10
N GLY B 380 13.05 -13.50 11.40
CA GLY B 380 11.79 -13.04 12.01
C GLY B 380 11.60 -11.53 12.02
N LYS B 381 12.60 -10.78 11.59
CA LYS B 381 12.53 -9.34 11.62
C LYS B 381 12.50 -8.70 10.23
N ASN B 382 12.31 -7.38 10.25
CA ASN B 382 12.37 -6.49 9.11
C ASN B 382 13.84 -6.08 8.86
N LEU B 383 14.35 -6.39 7.66
CA LEU B 383 15.74 -6.09 7.30
C LEU B 383 15.93 -4.71 6.72
N VAL B 384 14.81 -4.05 6.37
CA VAL B 384 14.86 -2.79 5.67
C VAL B 384 15.03 -1.71 6.70
N THR B 385 16.29 -1.43 6.99
CA THR B 385 16.70 -0.47 8.01
C THR B 385 16.91 0.93 7.44
N LEU B 386 16.67 1.13 6.14
CA LEU B 386 16.75 2.49 5.58
C LEU B 386 15.80 3.47 6.25
N PRO B 387 16.20 4.73 6.32
CA PRO B 387 15.44 5.68 7.15
C PRO B 387 14.22 6.33 6.46
N ASN B 388 14.10 6.26 5.14
CA ASN B 388 13.07 7.02 4.40
C ASN B 388 12.14 6.16 3.52
N THR B 389 11.85 4.94 3.98
CA THR B 389 10.85 4.10 3.32
C THR B 389 10.02 3.34 4.36
N THR B 390 8.80 2.96 3.96
CA THR B 390 7.96 2.01 4.73
C THR B 390 7.92 0.63 4.15
N ALA B 391 8.66 0.42 3.07
CA ALA B 391 8.82 -0.92 2.54
C ALA B 391 9.51 -1.81 3.59
N THR B 392 9.10 -3.07 3.63
CA THR B 392 9.65 -4.06 4.53
C THR B 392 10.09 -5.33 3.82
N ALA B 393 10.96 -6.08 4.49
CA ALA B 393 11.45 -7.35 4.00
C ALA B 393 11.74 -8.25 5.20
N ILE B 394 11.01 -9.36 5.31
CA ILE B 394 11.05 -10.17 6.50
C ILE B 394 11.71 -11.49 6.22
N LEU B 395 12.80 -11.75 6.95
CA LEU B 395 13.52 -13.02 6.83
C LEU B 395 12.77 -14.10 7.58
N CYS B 396 12.27 -15.09 6.85
CA CYS B 396 11.60 -16.20 7.45
C CYS B 396 12.62 -17.33 7.74
N SER B 397 12.19 -18.34 8.51
CA SER B 397 13.01 -19.51 8.88
C SER B 397 13.30 -20.42 7.73
N ASP B 398 12.37 -20.56 6.78
CA ASP B 398 12.70 -21.24 5.52
C ASP B 398 13.61 -20.40 4.59
N GLU B 399 14.03 -19.21 5.03
CA GLU B 399 14.94 -18.34 4.28
C GLU B 399 14.29 -17.59 3.10
N THR B 400 12.97 -17.70 2.93
CA THR B 400 12.24 -16.78 2.07
C THR B 400 12.24 -15.43 2.78
N ILE B 401 12.22 -14.38 1.96
CA ILE B 401 12.27 -13.01 2.42
C ILE B 401 10.97 -12.41 1.91
N TRP B 402 10.03 -12.20 2.82
CA TRP B 402 8.69 -11.75 2.48
C TRP B 402 8.70 -10.22 2.43
N LEU B 403 8.23 -9.64 1.30
CA LEU B 403 8.31 -8.20 1.08
C LEU B 403 6.97 -7.56 1.14
N GLU B 404 6.90 -6.34 1.67
CA GLU B 404 5.70 -5.49 1.57
C GLU B 404 6.16 -4.21 0.96
N PRO B 405 5.33 -3.60 0.12
CA PRO B 405 5.72 -2.38 -0.58
C PRO B 405 5.41 -1.12 0.18
N GLU B 406 6.07 -0.06 -0.26
CA GLU B 406 5.62 1.30 0.01
C GLU B 406 4.87 1.71 -1.26
N VAL B 407 3.62 2.12 -1.08
CA VAL B 407 2.78 2.54 -2.20
C VAL B 407 3.11 4.00 -2.52
N LEU B 408 3.42 4.28 -3.76
CA LEU B 408 3.74 5.62 -4.17
C LEU B 408 2.53 6.35 -4.79
N PHE B 409 1.64 5.59 -5.42
CA PHE B 409 0.47 6.16 -6.08
C PHE B 409 -0.59 5.09 -6.25
N SER B 410 -1.84 5.45 -5.96
CA SER B 410 -2.95 4.52 -5.99
C SER B 410 -4.23 5.28 -6.25
N GLY B 411 -4.90 4.97 -7.36
CA GLY B 411 -6.18 5.59 -7.70
C GLY B 411 -7.13 4.55 -8.31
N PRO B 412 -8.45 4.65 -8.02
CA PRO B 412 -9.45 3.64 -8.48
C PRO B 412 -9.53 3.47 -9.99
N ARG B 413 -8.95 2.40 -10.48
CA ARG B 413 -8.84 2.16 -11.91
C ARG B 413 -8.16 3.31 -12.66
N GLN B 414 -7.29 4.02 -11.96
CA GLN B 414 -6.49 5.13 -12.49
C GLN B 414 -5.05 4.67 -12.45
N ALA B 415 -4.55 4.16 -13.58
CA ALA B 415 -3.19 3.64 -13.65
C ALA B 415 -2.22 4.73 -13.99
N PHE B 416 -1.11 4.81 -13.23
CA PHE B 416 0.07 5.54 -13.67
C PHE B 416 0.86 4.47 -14.40
N GLU B 417 0.87 4.56 -15.72
CA GLU B 417 1.45 3.55 -16.59
C GLU B 417 2.39 4.15 -17.63
N PHE B 418 2.99 3.28 -18.43
CA PHE B 418 3.98 3.66 -19.43
C PHE B 418 4.97 4.65 -18.86
N PRO B 419 5.64 4.25 -17.76
CA PRO B 419 6.51 5.20 -17.05
C PRO B 419 7.76 5.52 -17.84
N GLN B 420 8.26 6.74 -17.66
CA GLN B 420 9.52 7.21 -18.21
C GLN B 420 10.22 8.06 -17.18
N ILE B 421 11.54 8.12 -17.23
CA ILE B 421 12.32 8.98 -16.36
C ILE B 421 13.29 9.77 -17.22
N ASN B 422 14.13 10.58 -16.61
CA ASN B 422 15.28 11.11 -17.28
C ASN B 422 16.31 10.00 -17.31
N TYR B 423 16.20 9.16 -18.33
CA TYR B 423 16.86 7.88 -18.35
C TYR B 423 18.38 8.00 -18.47
N GLN B 424 18.88 8.83 -19.36
CA GLN B 424 20.32 8.87 -19.63
C GLN B 424 21.17 9.26 -18.42
N LYS B 425 20.67 10.17 -17.62
CA LYS B 425 21.40 10.61 -16.46
C LYS B 425 20.95 9.91 -15.17
N TYR B 426 19.71 9.38 -15.08
CA TYR B 426 19.20 8.78 -13.82
C TYR B 426 18.76 7.30 -13.86
N GLY B 427 18.78 6.68 -15.02
CA GLY B 427 18.49 5.26 -15.15
C GLY B 427 19.51 4.44 -14.36
N GLY B 428 19.01 3.57 -13.49
CA GLY B 428 19.82 2.75 -12.63
C GLY B 428 20.35 3.47 -11.43
N LYS B 429 19.91 4.70 -11.19
CA LYS B 429 20.50 5.55 -10.14
C LYS B 429 19.45 6.24 -9.26
N PRO B 430 19.88 6.69 -8.07
CA PRO B 430 19.00 7.49 -7.25
C PRO B 430 18.27 8.58 -8.08
N TYR B 431 16.98 8.73 -7.86
CA TYR B 431 16.19 9.62 -8.68
C TYR B 431 15.01 10.11 -7.87
N THR B 432 14.27 11.05 -8.45
CA THR B 432 13.13 11.69 -7.79
C THR B 432 11.84 11.71 -8.60
N TYR B 433 11.93 11.77 -9.93
CA TYR B 433 10.75 11.99 -10.76
C TYR B 433 10.50 10.88 -11.79
N ALA B 434 9.22 10.56 -11.96
CA ALA B 434 8.80 9.75 -13.08
C ALA B 434 7.63 10.41 -13.76
N TYR B 435 7.51 10.18 -15.06
CA TYR B 435 6.41 10.66 -15.88
C TYR B 435 5.66 9.43 -16.36
N GLY B 436 4.37 9.58 -16.59
CA GLY B 436 3.56 8.44 -16.96
C GLY B 436 2.35 8.81 -17.75
N LEU B 437 1.77 7.81 -18.39
CA LEU B 437 0.48 7.95 -19.05
C LEU B 437 -0.62 7.44 -18.10
N GLY B 438 -1.64 8.27 -17.91
CA GLY B 438 -2.72 7.97 -16.96
C GLY B 438 -3.86 7.25 -17.68
N LEU B 439 -4.15 6.05 -17.23
CA LEU B 439 -5.24 5.26 -17.75
C LEU B 439 -6.46 5.30 -16.84
N ASN B 440 -7.62 5.45 -17.45
CA ASN B 440 -8.86 5.58 -16.73
C ASN B 440 -9.70 4.44 -17.19
N HIS B 441 -9.78 3.38 -16.40
CA HIS B 441 -10.45 2.13 -16.82
C HIS B 441 -9.87 1.65 -18.17
N PHE B 442 -8.54 1.71 -18.28
CA PHE B 442 -7.73 1.35 -19.47
C PHE B 442 -7.66 2.40 -20.61
N VAL B 443 -8.46 3.45 -20.54
CA VAL B 443 -8.50 4.48 -21.56
C VAL B 443 -7.50 5.56 -21.20
N PRO B 444 -6.50 5.79 -22.06
CA PRO B 444 -5.50 6.85 -21.80
C PRO B 444 -6.07 8.26 -21.93
N ASP B 445 -6.18 8.97 -20.82
CA ASP B 445 -6.79 10.29 -20.88
C ASP B 445 -6.02 11.41 -20.18
N ARG B 446 -4.77 11.18 -19.80
CA ARG B 446 -4.00 12.25 -19.13
C ARG B 446 -2.54 11.93 -19.07
N LEU B 447 -1.75 12.90 -18.68
CA LEU B 447 -0.33 12.71 -18.45
C LEU B 447 -0.02 13.08 -17.00
N CYS B 448 0.92 12.33 -16.41
CA CYS B 448 1.20 12.41 -14.99
C CYS B 448 2.66 12.58 -14.66
N LYS B 449 2.90 13.18 -13.50
CA LYS B 449 4.26 13.28 -12.98
C LYS B 449 4.20 12.94 -11.53
N LEU B 450 5.15 12.10 -11.07
CA LEU B 450 5.16 11.61 -9.71
C LEU B 450 6.52 11.91 -9.13
N ASN B 451 6.54 12.58 -7.99
CA ASN B 451 7.74 12.69 -7.18
C ASN B 451 7.77 11.46 -6.29
N VAL B 452 8.73 10.57 -6.52
CA VAL B 452 8.75 9.30 -5.79
C VAL B 452 9.21 9.40 -4.33
N LYS B 453 9.83 10.53 -3.94
CA LYS B 453 10.19 10.79 -2.53
C LYS B 453 9.02 11.37 -1.73
N THR B 454 8.34 12.36 -2.27
CA THR B 454 7.27 13.03 -1.57
C THR B 454 5.87 12.52 -1.90
N LYS B 455 5.70 11.84 -3.02
CA LYS B 455 4.39 11.40 -3.53
C LYS B 455 3.51 12.50 -4.10
N GLU B 456 4.04 13.69 -4.29
CA GLU B 456 3.30 14.70 -4.95
C GLU B 456 3.11 14.30 -6.43
N THR B 457 1.93 14.62 -6.98
CA THR B 457 1.65 14.42 -8.39
C THR B 457 1.24 15.70 -9.10
N TRP B 458 1.41 15.70 -10.42
CA TRP B 458 0.97 16.79 -11.30
C TRP B 458 0.23 16.11 -12.41
N VAL B 459 -0.81 16.73 -12.94
CA VAL B 459 -1.63 16.13 -14.02
C VAL B 459 -1.81 17.13 -15.13
N TRP B 460 -1.79 16.64 -16.37
CA TRP B 460 -2.19 17.41 -17.51
C TRP B 460 -3.35 16.66 -18.15
N GLN B 461 -4.44 17.38 -18.39
CA GLN B 461 -5.65 16.77 -18.92
C GLN B 461 -6.59 17.79 -19.60
N GLU B 462 -6.99 17.43 -20.82
CA GLU B 462 -8.08 18.11 -21.52
C GLU B 462 -9.24 17.14 -21.87
N PRO B 463 -10.46 17.67 -21.97
CA PRO B 463 -11.60 16.85 -22.35
C PRO B 463 -11.42 16.17 -23.71
N ASP B 464 -11.91 14.93 -23.85
CA ASP B 464 -11.90 14.22 -25.13
C ASP B 464 -10.49 14.19 -25.81
N SER B 465 -9.46 14.02 -24.99
CA SER B 465 -8.08 13.97 -25.46
C SER B 465 -7.35 12.74 -24.90
N TYR B 466 -6.73 11.98 -25.80
CA TYR B 466 -6.21 10.64 -25.51
C TYR B 466 -4.73 10.59 -25.82
N PRO B 467 -3.86 10.84 -24.80
CA PRO B 467 -2.41 10.89 -25.01
C PRO B 467 -1.69 9.56 -25.05
N SER B 468 -0.41 9.64 -25.37
CA SER B 468 0.47 8.50 -25.43
C SER B 468 1.48 8.60 -24.29
N GLU B 469 2.26 7.57 -24.13
CA GLU B 469 3.41 7.60 -23.24
C GLU B 469 4.17 8.91 -23.41
N PRO B 470 4.50 9.56 -22.30
CA PRO B 470 5.29 10.78 -22.38
C PRO B 470 6.74 10.45 -22.41
N ILE B 471 7.54 11.11 -23.23
CA ILE B 471 8.99 10.88 -23.29
C ILE B 471 9.76 12.11 -22.93
N PHE B 472 10.72 11.93 -22.02
CA PHE B 472 11.50 13.03 -21.47
C PHE B 472 12.71 13.38 -22.33
N VAL B 473 12.89 14.67 -22.54
CA VAL B 473 14.09 15.17 -23.22
C VAL B 473 14.70 16.26 -22.36
N SER B 474 15.94 16.03 -21.94
CA SER B 474 16.71 17.01 -21.20
C SER B 474 17.05 18.28 -22.00
N HIS B 475 16.93 19.40 -21.31
CA HIS B 475 17.53 20.67 -21.71
C HIS B 475 19.06 20.50 -21.73
N PRO B 476 19.75 21.05 -22.74
CA PRO B 476 21.21 20.83 -22.85
C PRO B 476 22.08 21.41 -21.74
N ASP B 477 21.64 22.52 -21.13
CA ASP B 477 22.23 23.14 -19.93
C ASP B 477 21.50 22.80 -18.61
N ALA B 478 20.83 21.65 -18.54
CA ALA B 478 20.06 21.26 -17.36
C ALA B 478 20.95 21.11 -16.15
N LEU B 479 20.54 21.62 -15.01
CA LEU B 479 21.20 21.34 -13.74
C LEU B 479 20.45 20.28 -12.94
N GLU B 480 19.14 20.22 -13.11
CA GLU B 480 18.25 19.45 -12.26
C GLU B 480 17.67 18.28 -13.05
N GLU B 481 17.22 17.26 -12.31
CA GLU B 481 16.65 16.02 -12.90
C GLU B 481 15.49 16.27 -13.88
N ASP B 482 14.64 17.24 -13.58
CA ASP B 482 13.46 17.56 -14.41
C ASP B 482 13.58 18.85 -15.24
N ASP B 483 14.81 19.24 -15.63
CA ASP B 483 15.05 20.44 -16.48
C ASP B 483 14.94 19.95 -17.94
N GLY B 484 13.73 20.02 -18.49
CA GLY B 484 13.49 19.54 -19.84
C GLY B 484 12.02 19.50 -20.15
N VAL B 485 11.65 18.79 -21.22
CA VAL B 485 10.23 18.64 -21.60
C VAL B 485 9.81 17.18 -21.68
N VAL B 486 8.51 16.96 -21.71
CA VAL B 486 8.00 15.68 -22.18
C VAL B 486 7.18 15.85 -23.48
N LEU B 487 7.28 14.85 -24.34
CA LEU B 487 6.60 14.80 -25.62
C LEU B 487 5.57 13.68 -25.59
N SER B 488 4.35 13.95 -26.01
CA SER B 488 3.32 12.94 -26.07
C SER B 488 2.54 13.17 -27.33
N VAL B 489 2.10 12.11 -27.99
CA VAL B 489 1.22 12.19 -29.15
C VAL B 489 -0.19 12.08 -28.61
N VAL B 490 -1.05 13.05 -28.95
CA VAL B 490 -2.42 13.13 -28.44
C VAL B 490 -3.44 13.03 -29.58
N VAL B 491 -4.44 12.19 -29.36
CA VAL B 491 -5.56 12.02 -30.28
C VAL B 491 -6.75 12.79 -29.75
N SER B 492 -7.22 13.76 -30.52
CA SER B 492 -8.28 14.70 -30.11
C SER B 492 -9.43 14.68 -31.12
N PRO B 493 -10.30 13.66 -31.06
CA PRO B 493 -11.36 13.53 -32.05
C PRO B 493 -12.53 14.48 -31.85
N GLY B 494 -13.50 14.42 -32.74
CA GLY B 494 -14.65 15.31 -32.65
C GLY B 494 -14.31 16.73 -33.09
N ALA B 495 -15.01 17.18 -34.14
CA ALA B 495 -14.73 18.43 -34.84
C ALA B 495 -14.89 19.62 -33.87
N GLY B 496 -14.35 20.76 -34.30
CA GLY B 496 -13.95 21.83 -33.37
C GLY B 496 -12.46 21.76 -33.08
N GLN B 497 -11.83 20.65 -33.48
CA GLN B 497 -10.42 20.41 -33.27
C GLN B 497 -9.87 19.63 -34.45
N LYS B 498 -8.56 19.68 -34.66
CA LYS B 498 -7.89 18.82 -35.65
C LYS B 498 -7.76 17.44 -35.00
N PRO B 499 -7.69 16.37 -35.81
CA PRO B 499 -7.72 15.00 -35.26
C PRO B 499 -6.65 14.60 -34.20
N ALA B 500 -5.46 15.20 -34.25
CA ALA B 500 -4.34 14.81 -33.42
C ALA B 500 -3.24 15.88 -33.31
N TYR B 501 -2.36 15.71 -32.34
CA TYR B 501 -1.27 16.66 -32.21
C TYR B 501 -0.12 16.13 -31.36
N LEU B 502 1.05 16.71 -31.60
CA LEU B 502 2.15 16.48 -30.73
C LEU B 502 2.12 17.50 -29.58
N LEU B 503 2.16 16.99 -28.35
CA LEU B 503 2.10 17.84 -27.16
C LEU B 503 3.48 17.95 -26.52
N ILE B 504 3.90 19.19 -26.25
CA ILE B 504 5.12 19.43 -25.50
C ILE B 504 4.74 20.10 -24.19
N LEU B 505 5.13 19.47 -23.06
CA LEU B 505 4.88 19.94 -21.71
C LEU B 505 6.18 20.20 -21.01
N ASN B 506 6.21 21.22 -20.16
CA ASN B 506 7.37 21.48 -19.33
C ASN B 506 7.46 20.42 -18.25
N ALA B 507 8.62 19.79 -18.14
CA ALA B 507 8.79 18.67 -17.18
C ALA B 507 8.73 19.09 -15.72
N LYS B 508 8.92 20.38 -15.42
CA LYS B 508 8.85 20.90 -14.02
C LYS B 508 7.50 20.77 -13.39
N ASP B 509 6.47 21.21 -14.12
CA ASP B 509 5.09 21.32 -13.62
C ASP B 509 4.01 20.79 -14.56
N LEU B 510 4.41 20.13 -15.66
CA LEU B 510 3.51 19.72 -16.74
C LEU B 510 2.64 20.83 -17.32
N SER B 511 3.10 22.08 -17.33
CA SER B 511 2.38 23.15 -18.02
C SER B 511 2.69 23.02 -19.51
N GLU B 512 1.72 23.35 -20.34
CA GLU B 512 1.88 23.28 -21.78
C GLU B 512 2.83 24.33 -22.31
N VAL B 513 3.76 23.91 -23.15
CA VAL B 513 4.77 24.74 -23.79
C VAL B 513 4.40 24.95 -25.28
N ALA B 514 3.90 23.91 -25.92
CA ALA B 514 3.50 24.00 -27.32
C ALA B 514 2.69 22.80 -27.74
N ARG B 515 2.00 22.97 -28.86
CA ARG B 515 1.53 21.80 -29.58
C ARG B 515 1.64 21.98 -31.07
N ALA B 516 1.68 20.85 -31.76
CA ALA B 516 1.88 20.78 -33.20
C ALA B 516 0.81 19.90 -33.82
N GLU B 517 -0.25 20.55 -34.30
CA GLU B 517 -1.43 19.86 -34.82
C GLU B 517 -1.23 19.32 -36.22
N VAL B 518 -1.79 18.13 -36.47
CA VAL B 518 -1.79 17.54 -37.80
C VAL B 518 -3.23 17.28 -38.25
N GLU B 519 -3.41 17.19 -39.55
CA GLU B 519 -4.72 17.12 -40.20
C GLU B 519 -5.32 15.71 -40.33
N ILE B 520 -4.61 14.68 -39.85
CA ILE B 520 -5.03 13.28 -39.96
C ILE B 520 -5.04 12.58 -38.62
N ASN B 521 -5.83 11.51 -38.50
CA ASN B 521 -5.87 10.70 -37.29
C ASN B 521 -4.55 9.99 -37.05
N ILE B 522 -4.28 9.70 -35.80
CA ILE B 522 -3.14 8.88 -35.38
C ILE B 522 -3.73 7.84 -34.44
N PRO B 523 -3.45 6.55 -34.66
CA PRO B 523 -3.93 5.57 -33.69
C PRO B 523 -3.03 5.50 -32.45
N VAL B 524 -3.40 4.61 -31.53
CA VAL B 524 -2.64 4.34 -30.34
C VAL B 524 -1.20 3.96 -30.68
N THR B 525 -0.26 4.43 -29.87
CA THR B 525 1.13 4.02 -29.91
C THR B 525 1.56 3.62 -28.49
N PHE B 526 2.50 2.69 -28.43
CA PHE B 526 2.91 2.10 -27.18
C PHE B 526 4.17 2.73 -26.63
N HIS B 527 5.28 2.54 -27.34
CA HIS B 527 6.57 3.01 -26.88
C HIS B 527 7.40 3.62 -27.99
N GLY B 528 8.48 4.28 -27.57
CA GLY B 528 9.39 4.90 -28.52
C GLY B 528 10.55 5.60 -27.90
N LEU B 529 11.13 6.55 -28.62
CA LEU B 529 12.31 7.28 -28.14
C LEU B 529 12.47 8.60 -28.86
N PHE B 530 13.26 9.47 -28.25
CA PHE B 530 13.69 10.68 -28.92
C PHE B 530 15.12 10.52 -29.42
N LYS B 531 15.34 10.72 -30.71
CA LYS B 531 16.66 10.62 -31.32
C LYS B 531 17.24 12.02 -31.58
N LYS B 532 18.21 12.42 -30.76
CA LYS B 532 18.84 13.74 -30.91
C LYS B 532 19.61 13.78 -32.22
N SER B 533 19.44 14.86 -32.96
CA SER B 533 20.25 15.13 -34.14
C SER B 533 20.86 16.54 -34.01
FE FE2 C . -5.55 -0.13 22.69
C1 PLM D . -3.35 -0.46 24.50
O1 PLM D . -2.77 -1.16 25.35
O2 PLM D . -4.55 -0.65 24.24
C2 PLM D . -2.60 0.63 23.79
C3 PLM D . -1.26 0.12 23.29
C4 PLM D . -1.46 -0.93 22.20
C5 PLM D . -0.33 -0.90 21.20
C6 PLM D . -0.46 0.23 20.18
C7 PLM D . 0.68 0.18 19.16
C8 PLM D . 2.06 0.38 19.77
C9 PLM D . 2.10 1.57 20.72
CA PLM D . 3.54 1.96 20.98
CB PLM D . 3.62 3.28 21.72
CC PLM D . 3.84 3.09 23.20
CD PLM D . 4.35 4.39 23.84
CE PLM D . 3.43 5.58 23.63
CF PLM D . 1.99 5.33 24.08
CG PLM D . 1.25 6.66 24.17
O A3V E . -3.46 -5.03 28.46
C2 A3V E . -2.15 -5.60 28.51
C1 A3V E . -1.70 -5.63 27.06
C A3V E . -1.66 -4.21 26.46
N A3V E . -2.95 -3.57 26.20
C3 A3V E . -2.09 -6.88 29.32
C15 A3V E . -2.59 -8.09 28.84
C7 A3V E . -2.51 -9.24 29.62
C6 A3V E . -1.93 -9.19 30.88
C5 A3V E . -1.45 -7.99 31.35
C4 A3V E . -1.53 -6.85 30.59
O1 A3V E . -2.99 -10.46 29.18
C8 A3V E . -3.59 -10.58 27.90
C9 A3V E . -4.08 -12.00 27.83
C14 A3V E . -5.21 -12.22 28.84
C13 A3V E . -5.74 -13.66 28.81
C12 A3V E . -6.18 -14.07 27.42
C11 A3V E . -5.08 -13.83 26.42
C10 A3V E . -4.58 -12.38 26.45
FE FE2 F . 5.64 -1.99 -22.58
C1 PLM G . 3.51 -2.73 -24.38
O1 PLM G . 3.01 -3.51 -25.24
O2 PLM G . 4.74 -2.71 -24.10
C2 PLM G . 2.62 -1.76 -23.65
C3 PLM G . 1.34 -2.42 -23.11
C4 PLM G . 1.62 -3.17 -21.81
C5 PLM G . 0.37 -3.11 -20.92
C6 PLM G . 0.40 -1.90 -20.01
C7 PLM G . -0.76 -1.86 -19.03
C8 PLM G . -2.15 -1.95 -19.65
C9 PLM G . -2.29 -0.90 -20.72
CA PLM G . -3.70 -0.79 -21.22
CB PLM G . -3.75 0.43 -22.12
CC PLM G . -4.04 0.06 -23.55
CD PLM G . -4.69 1.20 -24.33
CE PLM G . -3.88 2.49 -24.23
CF PLM G . -2.40 2.32 -24.59
CG PLM G . -1.78 3.69 -24.85
O A3V H . 4.34 -7.66 -27.81
C2 A3V H . 3.09 -8.34 -27.74
C1 A3V H . 2.61 -8.32 -26.30
C A3V H . 2.36 -6.90 -25.83
N A3V H . 3.54 -6.08 -25.63
C3 A3V H . 3.16 -9.71 -28.41
C15 A3V H . 3.74 -10.81 -27.78
C7 A3V H . 3.80 -12.04 -28.45
C6 A3V H . 3.25 -12.17 -29.70
C5 A3V H . 2.68 -11.08 -30.32
C4 A3V H . 2.64 -9.86 -29.68
O1 A3V H . 4.40 -13.14 -27.88
C8 A3V H . 5.00 -13.06 -26.59
C9 A3V H . 5.74 -14.38 -26.44
C14 A3V H . 6.81 -14.53 -27.52
C13 A3V H . 7.62 -15.82 -27.40
C12 A3V H . 8.20 -16.01 -26.01
C11 A3V H . 7.11 -15.87 -24.95
C10 A3V H . 6.38 -14.53 -25.07
#